data_3RAJ
#
_entry.id   3RAJ
#
_cell.length_a   59.664
_cell.length_b   271.521
_cell.length_c   136.661
_cell.angle_alpha   90.000
_cell.angle_beta   90.000
_cell.angle_gamma   90.000
#
_symmetry.space_group_name_H-M   'C 2 2 21'
#
loop_
_entity.id
_entity.type
_entity.pdbx_description
1 polymer 'ADP-ribosyl cyclase 1'
2 polymer 'heavy chain of the Fab fragment of antibody HB7'
3 polymer 'light chain of the Fab fragment of antibody HB7'
#
loop_
_entity_poly.entity_id
_entity_poly.type
_entity_poly.pdbx_seq_one_letter_code
_entity_poly.pdbx_strand_id
1 'polypeptide(L)'
;EFWRQTWSGPGTTKRFPETVLARCVKYTEIHPEMRHVDCQSVWDAFKGAFISKHPCDITEEDYQPLMKLGTQTVPCNKIL
LWSRIKDLAHQFTQVQRDMFTLEDTLLGYLADDLTWCGEFDTSKINYQSCPDWRKDCSNNPVSVFWKTVSRRFAEAACDV
VHVMLDGSRSKIFDKDSTFGSVEVHNLQPEKVQTLEAWVIHGGREDSRDLCQDPTIKELESIISKRNIQFSCKNIYRPDK
FLQCVKNPEDSSCTSEI
;
A
2 'polypeptide(L)'
;TLVQLKQSGPSLVQPSQRLSITCTVSGFSLISYGVHWVRQSPGKGLEWLGVIWRGGSTDYNAAFMSRLSITKDNSKSQVF
FKMNSLQADDTAIYFCAKTLITTGYAMDYWGQGTSVTVSSAKTTPPSVYPLAPGSAAQTNSMVTLGCLVKGYFPEPVTVT
WNSGSLSSGVHTFPAVLQSDLYTLSSSVTVPSSTWPSETVTCNVAHPASSTKVDKKIENR
;
H
3 'polypeptide(L)'
;IQMTQSSSSFSVSLGDRVTITCKASEDIYNRLAWYQQKPGNAPRLLISGATSLETGVPSRFSGSGSGKDYTLSITSLQTE
DVATYYCQQYWSTPTFGGGTKLEIKRADAAPTVSIFPPSSEQLTSGGASVVCFLNNFYPKDINVKWKIDGSERQNGVLNS
WTDQDSKDSTYSMSSTLTLTKDEYERHNSYTCEATHKTSTSPIVKSFNRNE
;
L
#
# COMPACT_ATOMS: atom_id res chain seq x y z
N TRP A 7 47.37 11.60 -31.50
CA TRP A 7 46.14 11.31 -30.77
C TRP A 7 45.09 12.39 -31.10
N SER A 8 43.81 11.98 -31.23
CA SER A 8 42.74 12.91 -31.58
C SER A 8 42.09 13.68 -30.41
N GLY A 9 42.40 13.28 -29.19
CA GLY A 9 41.85 13.97 -28.04
C GLY A 9 42.90 14.87 -27.46
N PRO A 10 42.48 15.78 -26.59
CA PRO A 10 43.38 16.70 -25.90
C PRO A 10 44.30 15.96 -24.95
N GLY A 11 45.52 16.46 -24.79
CA GLY A 11 46.49 15.84 -23.91
C GLY A 11 46.36 16.24 -22.46
N THR A 12 47.04 15.49 -21.62
CA THR A 12 47.03 15.69 -20.18
C THR A 12 47.00 17.16 -19.81
N THR A 13 46.03 17.55 -18.97
CA THR A 13 45.87 18.94 -18.52
C THR A 13 47.08 19.45 -17.71
N LYS A 14 47.57 20.64 -18.09
CA LYS A 14 48.83 21.19 -17.57
C LYS A 14 49.05 21.11 -16.05
N ARG A 15 50.30 21.18 -15.62
CA ARG A 15 50.63 20.93 -14.22
C ARG A 15 49.71 19.85 -13.66
N PHE A 16 49.49 18.80 -14.45
CA PHE A 16 48.62 17.71 -14.00
C PHE A 16 48.96 17.14 -12.61
N PRO A 17 50.20 16.66 -12.42
CA PRO A 17 50.55 15.98 -11.17
C PRO A 17 50.57 16.96 -10.02
N GLU A 18 50.63 18.22 -10.41
CA GLU A 18 50.72 19.31 -9.47
C GLU A 18 49.32 19.59 -8.95
N THR A 19 48.35 19.51 -9.85
CA THR A 19 46.94 19.75 -9.51
C THR A 19 46.29 18.54 -8.85
N VAL A 20 46.71 17.35 -9.24
CA VAL A 20 46.18 16.16 -8.61
C VAL A 20 46.64 16.05 -7.18
N LEU A 21 47.73 16.72 -6.86
CA LEU A 21 48.17 16.71 -5.48
C LEU A 21 47.42 17.77 -4.68
N ALA A 22 47.35 18.97 -5.23
CA ALA A 22 46.67 20.07 -4.53
C ALA A 22 45.23 19.71 -4.27
N ARG A 23 44.65 18.93 -5.19
CA ARG A 23 43.27 18.46 -5.02
C ARG A 23 43.21 17.52 -3.83
N CYS A 24 44.09 16.54 -3.80
CA CYS A 24 44.12 15.66 -2.65
C CYS A 24 44.43 16.40 -1.36
N VAL A 25 45.19 17.47 -1.42
CA VAL A 25 45.48 18.21 -0.20
C VAL A 25 44.18 18.75 0.33
N LYS A 26 43.50 19.52 -0.52
CA LYS A 26 42.29 20.25 -0.15
C LYS A 26 41.23 19.27 0.31
N TYR A 27 41.06 18.18 -0.42
CA TYR A 27 40.00 17.26 -0.09
C TYR A 27 40.19 16.73 1.31
N THR A 28 41.42 16.79 1.84
CA THR A 28 41.63 16.21 3.16
C THR A 28 41.59 17.22 4.30
N GLU A 29 41.69 18.50 3.99
CA GLU A 29 41.34 19.53 4.96
C GLU A 29 39.85 19.42 5.21
N ILE A 30 39.09 19.89 4.22
CA ILE A 30 37.61 19.84 4.17
C ILE A 30 36.95 18.57 4.71
N HIS A 31 37.51 17.41 4.37
CA HIS A 31 36.89 16.15 4.69
C HIS A 31 37.74 15.49 5.72
N PRO A 32 37.59 15.92 6.97
CA PRO A 32 38.67 15.62 7.92
C PRO A 32 38.66 14.13 8.21
N GLU A 33 37.49 13.50 8.15
CA GLU A 33 37.42 12.09 8.50
C GLU A 33 38.18 11.24 7.45
N MET A 34 38.96 11.93 6.60
CA MET A 34 40.01 11.33 5.74
C MET A 34 41.39 11.59 6.38
N ARG A 35 42.02 12.71 6.04
CA ARG A 35 43.26 13.21 6.70
C ARG A 35 44.43 12.22 6.75
N HIS A 36 44.10 10.99 7.11
CA HIS A 36 45.04 9.89 7.26
C HIS A 36 45.69 9.51 5.94
N VAL A 37 45.48 10.31 4.91
CA VAL A 37 45.83 9.91 3.55
C VAL A 37 47.17 10.47 3.14
N ASP A 38 47.97 9.63 2.46
CA ASP A 38 49.30 10.06 2.01
C ASP A 38 49.28 10.65 0.61
N CYS A 39 48.80 11.88 0.50
CA CYS A 39 48.72 12.58 -0.77
C CYS A 39 49.80 12.20 -1.80
N GLN A 40 51.03 11.96 -1.38
CA GLN A 40 52.03 11.52 -2.34
C GLN A 40 51.79 10.07 -2.76
N SER A 41 51.53 9.19 -1.79
CA SER A 41 51.40 7.78 -2.09
C SER A 41 50.18 7.54 -2.96
N VAL A 42 49.19 8.43 -2.79
CA VAL A 42 48.02 8.45 -3.65
C VAL A 42 48.45 8.84 -5.03
N TRP A 43 49.14 9.97 -5.15
CA TRP A 43 49.62 10.41 -6.44
C TRP A 43 50.54 9.41 -7.09
N ASP A 44 51.35 8.74 -6.27
CA ASP A 44 52.33 7.79 -6.78
C ASP A 44 51.59 6.61 -7.36
N ALA A 45 50.51 6.24 -6.71
CA ALA A 45 49.67 5.10 -7.12
C ALA A 45 48.90 5.38 -8.41
N PHE A 46 48.37 6.58 -8.51
CA PHE A 46 47.69 7.08 -9.70
C PHE A 46 48.65 7.01 -10.87
N LYS A 47 49.74 7.77 -10.77
CA LYS A 47 50.78 7.88 -11.79
C LYS A 47 51.24 6.52 -12.31
N GLY A 48 51.38 5.56 -11.41
CA GLY A 48 51.89 4.25 -11.78
C GLY A 48 50.91 3.38 -12.56
N ALA A 49 49.66 3.81 -12.60
CA ALA A 49 48.66 3.03 -13.31
C ALA A 49 48.78 3.19 -14.81
N PHE A 50 49.40 4.28 -15.28
CA PHE A 50 49.42 4.59 -16.72
C PHE A 50 50.71 5.12 -17.37
N ILE A 51 51.70 5.53 -16.59
CA ILE A 51 53.01 5.80 -17.21
C ILE A 51 53.63 4.44 -17.43
N SER A 52 54.33 4.29 -18.55
CA SER A 52 54.98 3.03 -18.89
C SER A 52 54.00 2.13 -19.61
N LYS A 53 52.71 2.36 -19.40
CA LYS A 53 51.67 1.62 -20.09
C LYS A 53 51.18 2.41 -21.29
N HIS A 54 50.92 1.70 -22.38
CA HIS A 54 50.40 2.32 -23.57
C HIS A 54 48.91 2.65 -23.44
N PRO A 55 48.53 3.93 -23.62
CA PRO A 55 47.22 4.49 -23.29
C PRO A 55 46.03 3.88 -24.03
N CYS A 56 46.21 2.73 -24.67
CA CYS A 56 45.09 1.99 -25.23
C CYS A 56 44.96 0.58 -24.64
N ASP A 57 45.77 0.34 -23.60
CA ASP A 57 46.00 -0.96 -23.03
C ASP A 57 45.96 -0.83 -21.52
N ILE A 58 45.14 0.07 -21.01
CA ILE A 58 45.00 0.17 -19.56
C ILE A 58 43.82 -0.69 -19.05
N THR A 59 44.04 -1.37 -17.93
CA THR A 59 43.05 -2.28 -17.37
C THR A 59 42.59 -1.80 -16.01
N GLU A 60 41.46 -2.29 -15.55
CA GLU A 60 40.93 -1.81 -14.29
C GLU A 60 41.87 -2.23 -13.16
N GLU A 61 42.77 -3.17 -13.46
CA GLU A 61 43.69 -3.69 -12.45
C GLU A 61 44.73 -2.65 -12.11
N ASP A 62 45.25 -1.98 -13.14
CA ASP A 62 46.29 -0.98 -12.98
C ASP A 62 45.92 0.09 -11.96
N TYR A 63 44.63 0.24 -11.74
CA TYR A 63 44.12 1.20 -10.78
C TYR A 63 43.90 0.56 -9.42
N GLN A 64 44.21 -0.72 -9.31
CA GLN A 64 44.06 -1.47 -8.06
C GLN A 64 44.92 -0.86 -6.95
N PRO A 65 46.23 -0.68 -7.20
CA PRO A 65 47.04 0.24 -6.42
C PRO A 65 46.27 1.40 -5.80
N LEU A 66 45.73 2.28 -6.64
CA LEU A 66 45.14 3.52 -6.14
C LEU A 66 43.76 3.35 -5.53
N MET A 67 43.05 2.30 -5.91
CA MET A 67 41.75 2.05 -5.31
C MET A 67 41.94 1.83 -3.85
N LYS A 68 42.85 0.91 -3.52
CA LYS A 68 43.16 0.53 -2.15
C LYS A 68 43.30 1.76 -1.28
N LEU A 69 43.99 2.76 -1.80
CA LEU A 69 44.24 4.00 -1.06
C LEU A 69 43.06 4.96 -1.10
N GLY A 70 42.19 4.82 -2.10
CA GLY A 70 41.04 5.68 -2.24
C GLY A 70 39.89 5.23 -1.35
N THR A 71 39.91 3.95 -1.00
CA THR A 71 38.87 3.32 -0.19
C THR A 71 38.13 4.32 0.68
N GLN A 72 36.80 4.27 0.60
CA GLN A 72 35.98 5.25 1.25
C GLN A 72 34.61 4.68 1.60
N THR A 73 33.79 5.52 2.20
CA THR A 73 32.52 5.10 2.72
C THR A 73 31.55 6.15 2.27
N VAL A 74 30.36 5.75 1.82
CA VAL A 74 29.43 6.68 1.19
C VAL A 74 28.01 6.55 1.71
N PRO A 75 27.28 7.69 1.75
CA PRO A 75 25.84 7.67 2.07
C PRO A 75 25.10 6.85 1.03
N CYS A 76 25.17 5.52 1.17
CA CYS A 76 24.77 4.58 0.14
C CYS A 76 23.31 4.79 -0.37
N ASN A 77 22.54 5.53 0.42
CA ASN A 77 21.12 5.70 0.19
C ASN A 77 20.80 7.08 -0.41
N LYS A 78 21.86 7.84 -0.68
CA LYS A 78 21.77 9.21 -1.14
C LYS A 78 22.58 9.35 -2.40
N ILE A 79 22.77 8.23 -3.10
CA ILE A 79 23.71 8.15 -4.21
C ILE A 79 23.11 8.55 -5.56
N LEU A 80 23.93 9.16 -6.40
CA LEU A 80 23.57 9.52 -7.79
C LEU A 80 24.64 9.07 -8.76
N LEU A 81 24.37 8.00 -9.52
CA LEU A 81 25.39 7.35 -10.34
C LEU A 81 25.99 8.18 -11.48
N TRP A 82 27.18 7.79 -11.89
CA TRP A 82 27.93 8.42 -12.97
C TRP A 82 27.30 8.14 -14.34
N SER A 83 26.78 9.20 -14.93
CA SER A 83 26.38 9.22 -16.32
C SER A 83 27.43 10.12 -16.96
N ARG A 84 27.78 9.90 -18.21
CA ARG A 84 28.86 10.70 -18.77
C ARG A 84 28.72 12.14 -18.29
N ILE A 85 27.49 12.66 -18.30
CA ILE A 85 27.22 14.10 -18.16
C ILE A 85 27.27 14.72 -16.76
N LYS A 86 28.47 15.01 -16.29
CA LYS A 86 28.67 15.64 -15.00
C LYS A 86 28.51 17.17 -15.03
N ASP A 87 28.63 17.78 -16.20
CA ASP A 87 28.48 19.22 -16.23
C ASP A 87 27.02 19.64 -16.24
N LEU A 88 26.17 18.94 -16.98
CA LEU A 88 24.74 19.27 -16.99
C LEU A 88 24.17 19.12 -15.61
N ALA A 89 24.61 18.10 -14.87
CA ALA A 89 23.89 17.80 -13.66
C ALA A 89 24.28 18.61 -12.43
N HIS A 90 25.57 18.90 -12.28
CA HIS A 90 26.05 19.62 -11.10
C HIS A 90 25.30 20.91 -10.99
N GLN A 91 24.38 21.11 -11.94
CA GLN A 91 23.73 22.39 -12.10
C GLN A 91 22.44 22.62 -11.33
N PHE A 92 21.81 21.56 -10.78
CA PHE A 92 20.56 21.66 -9.97
C PHE A 92 20.84 21.69 -8.50
N THR A 93 20.43 22.73 -7.79
CA THR A 93 20.69 22.76 -6.36
C THR A 93 20.15 21.53 -5.64
N GLN A 94 19.19 20.85 -6.25
CA GLN A 94 18.68 19.61 -5.67
C GLN A 94 19.73 18.51 -5.72
N VAL A 95 20.52 18.48 -6.79
CA VAL A 95 21.53 17.44 -6.95
C VAL A 95 22.70 17.63 -6.02
N GLN A 96 23.36 18.79 -6.12
CA GLN A 96 24.61 18.95 -5.41
C GLN A 96 24.31 18.75 -3.95
N ARG A 97 23.33 19.54 -3.48
CA ARG A 97 22.83 19.47 -2.11
C ARG A 97 22.40 18.09 -1.61
N ASP A 98 21.34 17.56 -2.20
CA ASP A 98 20.71 16.34 -1.68
C ASP A 98 21.30 15.02 -2.12
N MET A 99 22.28 15.04 -3.02
CA MET A 99 22.92 13.77 -3.37
C MET A 99 24.41 13.74 -3.62
N PHE A 100 24.89 12.50 -3.66
CA PHE A 100 26.29 12.16 -3.59
C PHE A 100 26.86 11.74 -4.95
N THR A 101 27.34 12.73 -5.70
CA THR A 101 28.00 12.48 -6.97
C THR A 101 29.27 11.70 -6.75
N LEU A 102 29.63 10.84 -7.69
CA LEU A 102 30.89 10.11 -7.61
C LEU A 102 32.08 11.04 -7.46
N GLU A 103 31.87 12.35 -7.61
CA GLU A 103 32.99 13.29 -7.59
C GLU A 103 32.99 14.16 -6.34
N ASP A 104 32.22 13.70 -5.37
CA ASP A 104 32.33 14.11 -3.98
C ASP A 104 33.10 13.03 -3.21
N THR A 105 33.39 11.90 -3.86
CA THR A 105 34.29 10.94 -3.27
C THR A 105 35.69 11.48 -3.50
N LEU A 106 36.69 10.81 -2.97
CA LEU A 106 38.03 11.34 -3.05
C LEU A 106 38.53 11.27 -4.46
N LEU A 107 38.65 10.05 -4.94
CA LEU A 107 39.17 9.78 -6.28
C LEU A 107 38.35 10.57 -7.31
N GLY A 108 37.03 10.49 -7.20
CA GLY A 108 36.20 11.26 -8.09
C GLY A 108 36.65 12.70 -8.09
N TYR A 109 36.81 13.26 -6.89
CA TYR A 109 37.21 14.63 -6.68
C TYR A 109 38.48 14.97 -7.47
N LEU A 110 39.48 14.09 -7.38
CA LEU A 110 40.82 14.35 -7.93
C LEU A 110 40.83 14.47 -9.45
N ALA A 111 40.09 13.59 -10.11
CA ALA A 111 40.13 13.46 -11.55
C ALA A 111 38.97 14.14 -12.31
N ASP A 112 38.08 14.81 -11.57
CA ASP A 112 36.99 15.52 -12.21
C ASP A 112 37.57 16.59 -13.12
N ASP A 113 37.09 16.65 -14.36
CA ASP A 113 37.54 17.62 -15.37
C ASP A 113 39.00 17.48 -15.88
N LEU A 114 39.67 16.36 -15.59
CA LEU A 114 41.02 16.15 -16.09
C LEU A 114 41.10 15.07 -17.15
N THR A 115 42.03 15.28 -18.06
CA THR A 115 42.38 14.33 -19.10
C THR A 115 43.81 14.01 -18.82
N TRP A 116 44.22 12.79 -19.10
CA TRP A 116 45.59 12.42 -18.83
C TRP A 116 45.95 11.14 -19.59
N CYS A 117 47.23 11.01 -19.92
CA CYS A 117 47.77 9.77 -20.46
C CYS A 117 49.27 9.92 -20.57
N GLY A 118 49.98 8.80 -20.64
CA GLY A 118 51.40 8.84 -20.86
C GLY A 118 51.81 8.24 -22.19
N GLU A 119 53.06 7.83 -22.26
CA GLU A 119 53.55 6.97 -23.32
C GLU A 119 54.28 5.81 -22.65
N PHE A 120 54.87 4.94 -23.46
CA PHE A 120 55.43 3.69 -22.94
C PHE A 120 56.87 3.47 -23.40
N ASP A 121 57.19 3.97 -24.60
CA ASP A 121 58.56 3.94 -25.12
C ASP A 121 59.43 4.94 -24.35
N THR A 122 58.76 5.83 -23.62
CA THR A 122 59.37 6.58 -22.54
C THR A 122 58.66 6.14 -21.26
N SER A 123 58.23 7.10 -20.48
CA SER A 123 57.62 6.83 -19.20
C SER A 123 57.36 8.19 -18.61
N LYS A 124 56.82 9.05 -19.45
CA LYS A 124 56.58 10.45 -19.10
C LYS A 124 55.24 10.81 -19.68
N ILE A 125 54.44 11.51 -18.89
CA ILE A 125 53.16 12.04 -19.35
C ILE A 125 53.23 12.67 -20.75
N ASN A 126 52.09 12.72 -21.42
CA ASN A 126 52.00 13.28 -22.75
C ASN A 126 51.06 14.48 -22.68
N TYR A 127 51.58 15.69 -22.84
CA TYR A 127 50.78 16.90 -22.63
C TYR A 127 50.21 17.46 -23.92
N GLN A 128 50.38 16.71 -24.99
CA GLN A 128 50.08 17.18 -26.35
C GLN A 128 48.75 16.66 -26.88
N SER A 129 48.57 15.34 -26.79
CA SER A 129 47.38 14.66 -27.27
C SER A 129 47.11 13.43 -26.44
N CYS A 130 45.88 12.95 -26.47
CA CYS A 130 45.52 11.68 -25.83
C CYS A 130 44.43 10.97 -26.61
N PRO A 131 44.29 9.67 -26.39
CA PRO A 131 43.32 8.86 -27.13
C PRO A 131 41.90 9.33 -26.90
N ASP A 132 41.06 9.30 -27.94
CA ASP A 132 39.68 9.72 -27.80
C ASP A 132 38.80 8.50 -27.74
N TRP A 133 38.20 8.23 -26.59
CA TRP A 133 37.55 6.94 -26.39
C TRP A 133 36.73 6.48 -27.62
N ARG A 134 35.98 7.39 -28.22
CA ARG A 134 35.15 7.03 -29.37
C ARG A 134 35.99 6.72 -30.59
N LYS A 135 36.83 7.68 -30.96
CA LYS A 135 37.55 7.70 -32.23
C LYS A 135 38.79 6.81 -32.29
N ASP A 136 39.69 6.99 -31.33
CA ASP A 136 40.83 6.09 -31.12
C ASP A 136 40.38 4.95 -30.21
N CYS A 137 41.32 4.11 -29.80
CA CYS A 137 41.07 3.05 -28.83
C CYS A 137 40.15 3.46 -27.68
N SER A 138 39.43 2.50 -27.11
CA SER A 138 38.41 2.79 -26.12
C SER A 138 38.90 2.57 -24.68
N ASN A 139 40.16 2.22 -24.53
CA ASN A 139 40.67 1.91 -23.20
C ASN A 139 41.71 2.87 -22.72
N ASN A 140 41.53 4.14 -23.08
CA ASN A 140 42.40 5.16 -22.52
C ASN A 140 42.31 5.12 -21.00
N PRO A 141 43.35 5.62 -20.32
CA PRO A 141 43.37 5.78 -18.87
C PRO A 141 42.13 6.46 -18.26
N VAL A 142 41.62 7.51 -18.87
CA VAL A 142 40.49 8.22 -18.28
C VAL A 142 39.21 7.40 -18.37
N SER A 143 38.93 6.87 -19.55
CA SER A 143 37.77 6.04 -19.75
C SER A 143 37.77 4.96 -18.67
N VAL A 144 38.92 4.32 -18.50
CA VAL A 144 39.06 3.17 -17.62
C VAL A 144 39.11 3.53 -16.15
N PHE A 145 39.72 4.67 -15.83
CA PHE A 145 39.68 5.15 -14.47
C PHE A 145 38.24 5.19 -14.05
N TRP A 146 37.41 5.88 -14.82
CA TRP A 146 36.01 6.06 -14.42
C TRP A 146 35.18 4.79 -14.35
N LYS A 147 35.45 3.82 -15.23
CA LYS A 147 34.77 2.53 -15.15
C LYS A 147 35.13 1.88 -13.84
N THR A 148 36.40 2.00 -13.48
CA THR A 148 36.95 1.40 -12.27
C THR A 148 36.32 1.95 -11.00
N VAL A 149 36.33 3.27 -10.83
CA VAL A 149 35.82 3.84 -9.59
C VAL A 149 34.33 3.78 -9.49
N SER A 150 33.63 3.80 -10.62
CA SER A 150 32.18 3.74 -10.56
C SER A 150 31.67 2.31 -10.37
N ARG A 151 32.44 1.33 -10.83
CA ARG A 151 32.07 -0.07 -10.60
C ARG A 151 31.93 -0.29 -9.11
N ARG A 152 32.78 0.41 -8.37
CA ARG A 152 32.74 0.37 -6.93
C ARG A 152 31.51 1.11 -6.40
N PHE A 153 31.34 2.34 -6.87
CA PHE A 153 30.20 3.19 -6.52
C PHE A 153 28.90 2.42 -6.61
N ALA A 154 28.75 1.65 -7.69
CA ALA A 154 27.51 0.92 -7.96
C ALA A 154 27.30 -0.23 -7.00
N GLU A 155 28.38 -0.93 -6.67
CA GLU A 155 28.34 -2.02 -5.71
C GLU A 155 28.04 -1.52 -4.30
N ALA A 156 28.05 -0.20 -4.12
CA ALA A 156 27.95 0.40 -2.78
C ALA A 156 26.58 0.99 -2.50
N ALA A 157 25.74 1.06 -3.52
CA ALA A 157 24.48 1.80 -3.46
C ALA A 157 23.34 1.00 -2.82
N CYS A 158 22.50 1.68 -2.04
CA CYS A 158 21.36 1.05 -1.37
C CYS A 158 20.11 1.93 -1.44
N ASP A 159 18.95 1.31 -1.21
CA ASP A 159 17.65 2.01 -1.15
C ASP A 159 17.26 2.57 -2.50
N VAL A 160 17.04 3.88 -2.57
CA VAL A 160 16.88 4.48 -3.88
C VAL A 160 18.20 5.05 -4.37
N VAL A 161 18.60 4.51 -5.51
CA VAL A 161 19.76 5.00 -6.23
C VAL A 161 19.30 5.76 -7.49
N HIS A 162 19.83 6.96 -7.71
CA HIS A 162 19.39 7.81 -8.82
C HIS A 162 20.36 7.80 -9.97
N VAL A 163 19.90 8.35 -11.08
CA VAL A 163 20.76 8.52 -12.21
C VAL A 163 20.19 9.63 -13.08
N MET A 164 21.07 10.31 -13.81
CA MET A 164 20.62 11.39 -14.67
C MET A 164 21.01 11.23 -16.13
N LEU A 165 20.02 11.28 -17.01
CA LEU A 165 20.27 11.09 -18.44
C LEU A 165 20.00 12.35 -19.24
N ASP A 166 20.78 12.55 -20.31
CA ASP A 166 20.46 13.64 -21.24
C ASP A 166 19.21 13.35 -22.08
N GLY A 167 18.24 14.24 -22.03
CA GLY A 167 17.02 14.07 -22.80
C GLY A 167 17.18 14.78 -24.12
N SER A 168 18.43 14.81 -24.57
CA SER A 168 18.85 15.41 -25.81
C SER A 168 19.66 14.41 -26.57
N ARG A 169 20.59 13.75 -25.89
CA ARG A 169 21.35 12.71 -26.56
C ARG A 169 20.41 11.92 -27.48
N SER A 170 20.94 11.36 -28.57
CA SER A 170 20.11 10.63 -29.51
C SER A 170 19.70 9.32 -28.85
N LYS A 171 20.66 8.74 -28.14
CA LYS A 171 20.42 7.61 -27.26
C LYS A 171 20.41 8.11 -25.82
N ILE A 172 19.22 8.29 -25.25
CA ILE A 172 19.16 8.74 -23.87
C ILE A 172 19.87 7.74 -22.96
N PHE A 173 19.39 6.50 -22.92
CA PHE A 173 20.11 5.46 -22.18
C PHE A 173 20.96 4.64 -23.12
N ASP A 174 22.27 4.83 -23.05
CA ASP A 174 23.16 4.06 -23.91
C ASP A 174 23.63 2.84 -23.14
N LYS A 175 23.47 1.66 -23.75
CA LYS A 175 23.79 0.41 -23.07
C LYS A 175 25.28 0.13 -22.92
N ASP A 176 26.09 0.88 -23.66
CA ASP A 176 27.53 0.67 -23.67
C ASP A 176 28.22 1.71 -22.82
N SER A 177 27.47 2.74 -22.46
CA SER A 177 27.98 3.78 -21.59
C SER A 177 28.57 3.21 -20.29
N THR A 178 29.48 3.93 -19.64
CA THR A 178 30.02 3.42 -18.38
C THR A 178 28.84 3.03 -17.51
N PHE A 179 27.80 3.84 -17.57
CA PHE A 179 26.64 3.59 -16.72
C PHE A 179 25.92 2.32 -17.15
N GLY A 180 25.60 2.23 -18.43
CA GLY A 180 24.88 1.10 -18.96
C GLY A 180 25.59 -0.20 -18.69
N SER A 181 26.90 -0.22 -18.92
CA SER A 181 27.62 -1.48 -18.98
C SER A 181 28.29 -1.88 -17.67
N VAL A 182 28.65 -0.89 -16.86
CA VAL A 182 29.32 -1.17 -15.61
C VAL A 182 28.37 -1.06 -14.45
N GLU A 183 27.86 0.14 -14.24
CA GLU A 183 27.12 0.42 -13.02
C GLU A 183 25.85 -0.41 -12.89
N VAL A 184 25.08 -0.48 -13.96
CA VAL A 184 23.76 -1.11 -13.93
C VAL A 184 23.81 -2.57 -13.47
N HIS A 185 24.87 -3.28 -13.79
CA HIS A 185 24.93 -4.70 -13.48
C HIS A 185 25.60 -4.97 -12.18
N ASN A 186 25.84 -3.91 -11.43
CA ASN A 186 26.51 -4.04 -10.15
C ASN A 186 25.68 -3.43 -9.05
N LEU A 187 24.50 -2.96 -9.43
CA LEU A 187 23.48 -2.66 -8.44
C LEU A 187 22.94 -3.97 -7.88
N GLN A 188 23.09 -4.18 -6.59
CA GLN A 188 22.56 -5.40 -5.99
C GLN A 188 21.13 -5.22 -5.49
N PRO A 189 20.24 -6.15 -5.88
CA PRO A 189 18.82 -6.00 -5.57
C PRO A 189 18.55 -6.31 -4.11
N GLU A 190 19.50 -7.03 -3.52
CA GLU A 190 19.37 -7.45 -2.15
C GLU A 190 19.68 -6.22 -1.30
N LYS A 191 19.96 -5.11 -1.99
CA LYS A 191 20.50 -3.90 -1.39
C LYS A 191 19.78 -2.63 -1.89
N VAL A 192 19.53 -2.60 -3.20
CA VAL A 192 18.85 -1.49 -3.87
C VAL A 192 17.35 -1.77 -4.13
N GLN A 193 16.47 -0.86 -3.70
CA GLN A 193 15.02 -1.02 -3.88
C GLN A 193 14.55 -0.58 -5.26
N THR A 194 15.23 0.42 -5.83
CA THR A 194 14.67 1.16 -6.94
C THR A 194 15.76 1.92 -7.62
N LEU A 195 15.69 1.98 -8.95
CA LEU A 195 16.41 2.98 -9.74
C LEU A 195 15.48 4.11 -10.14
N GLU A 196 15.72 5.29 -9.61
CA GLU A 196 14.99 6.45 -10.02
C GLU A 196 15.82 7.25 -11.04
N ALA A 197 15.29 7.34 -12.25
CA ALA A 197 16.02 7.99 -13.31
C ALA A 197 15.40 9.33 -13.56
N TRP A 198 16.23 10.33 -13.80
CA TRP A 198 15.74 11.65 -14.15
C TRP A 198 16.18 12.01 -15.55
N VAL A 199 15.23 12.07 -16.47
CA VAL A 199 15.48 12.52 -17.83
C VAL A 199 15.41 14.05 -17.91
N ILE A 200 16.44 14.65 -18.49
CA ILE A 200 16.62 16.08 -18.43
C ILE A 200 16.34 16.69 -19.79
N HIS A 201 15.14 17.25 -19.97
CA HIS A 201 14.76 17.81 -21.28
C HIS A 201 15.77 18.84 -21.72
N GLY A 202 16.23 18.72 -22.95
CA GLY A 202 17.23 19.63 -23.49
C GLY A 202 16.80 21.07 -23.67
N GLY A 203 15.54 21.35 -23.33
CA GLY A 203 15.02 22.71 -23.40
C GLY A 203 13.57 22.72 -22.98
N ARG A 204 13.13 23.83 -22.39
CA ARG A 204 11.70 24.02 -22.21
C ARG A 204 11.23 24.02 -23.64
N GLU A 205 9.93 24.02 -23.89
CA GLU A 205 9.44 23.99 -25.28
C GLU A 205 9.28 22.53 -25.63
N ASP A 206 10.35 21.78 -25.40
CA ASP A 206 10.32 20.34 -25.48
C ASP A 206 9.54 19.76 -24.30
N SER A 207 8.22 19.99 -24.26
CA SER A 207 7.26 19.11 -23.55
C SER A 207 7.58 17.77 -24.14
N ARG A 208 6.97 16.68 -23.67
CA ARG A 208 7.26 15.37 -24.26
C ARG A 208 7.79 14.39 -23.24
N ASP A 209 6.90 13.54 -22.75
CA ASP A 209 7.22 12.51 -21.77
C ASP A 209 8.27 11.55 -22.30
N LEU A 210 9.49 11.74 -21.80
CA LEU A 210 10.65 11.02 -22.29
C LEU A 210 10.76 9.68 -21.60
N CYS A 211 9.95 9.51 -20.55
CA CYS A 211 9.83 8.25 -19.87
C CYS A 211 9.26 7.22 -20.82
N GLN A 212 9.10 7.66 -22.07
CA GLN A 212 8.45 6.88 -23.08
C GLN A 212 9.48 6.35 -24.04
N ASP A 213 10.35 7.25 -24.46
CA ASP A 213 11.49 6.86 -25.28
C ASP A 213 11.95 5.40 -25.03
N PRO A 214 12.21 4.62 -26.09
CA PRO A 214 12.53 3.21 -25.85
C PRO A 214 13.83 2.97 -25.09
N THR A 215 14.86 3.78 -25.30
CA THR A 215 16.08 3.58 -24.51
C THR A 215 15.69 3.46 -23.05
N ILE A 216 15.05 4.49 -22.50
CA ILE A 216 14.47 4.47 -21.16
C ILE A 216 13.75 3.14 -20.84
N LYS A 217 12.84 2.74 -21.72
CA LYS A 217 12.11 1.50 -21.56
C LYS A 217 13.01 0.25 -21.53
N GLU A 218 14.16 0.32 -22.19
CA GLU A 218 15.07 -0.81 -22.21
C GLU A 218 15.73 -0.89 -20.86
N LEU A 219 15.76 0.24 -20.18
CA LEU A 219 16.29 0.32 -18.85
C LEU A 219 15.26 -0.16 -17.81
N GLU A 220 14.02 0.31 -17.92
CA GLU A 220 12.87 -0.23 -17.16
C GLU A 220 12.99 -1.74 -17.22
N SER A 221 12.98 -2.30 -18.43
CA SER A 221 13.07 -3.74 -18.66
C SER A 221 14.29 -4.45 -18.05
N ILE A 222 15.47 -3.90 -18.28
CA ILE A 222 16.69 -4.47 -17.76
C ILE A 222 16.73 -4.53 -16.25
N ILE A 223 16.33 -3.41 -15.65
CA ILE A 223 16.40 -3.22 -14.22
C ILE A 223 15.53 -4.23 -13.54
N SER A 224 14.45 -4.57 -14.22
CA SER A 224 13.45 -5.43 -13.65
C SER A 224 13.86 -6.91 -13.71
N LYS A 225 14.61 -7.27 -14.73
CA LYS A 225 15.19 -8.60 -14.72
C LYS A 225 16.21 -8.75 -13.56
N ARG A 226 16.48 -7.67 -12.84
CA ARG A 226 17.50 -7.64 -11.80
C ARG A 226 16.88 -7.68 -10.43
N ASN A 227 15.56 -7.48 -10.42
CA ASN A 227 14.70 -7.49 -9.23
C ASN A 227 14.54 -6.11 -8.63
N ILE A 228 15.11 -5.12 -9.31
CA ILE A 228 15.02 -3.72 -8.86
C ILE A 228 13.92 -2.93 -9.58
N GLN A 229 13.37 -1.96 -8.86
CA GLN A 229 12.13 -1.34 -9.26
C GLN A 229 12.54 -0.08 -9.99
N PHE A 230 11.65 0.50 -10.76
CA PHE A 230 12.06 1.59 -11.59
C PHE A 230 11.10 2.77 -11.48
N SER A 231 11.61 3.93 -11.11
CA SER A 231 10.85 5.18 -11.04
C SER A 231 11.48 6.16 -12.01
N CYS A 232 10.71 6.56 -13.01
CA CYS A 232 11.19 7.49 -14.03
C CYS A 232 10.58 8.88 -13.81
N LYS A 233 11.33 9.92 -14.20
CA LYS A 233 10.91 11.30 -13.96
C LYS A 233 11.56 12.28 -14.94
N ASN A 234 10.82 13.31 -15.33
CA ASN A 234 11.30 14.32 -16.27
C ASN A 234 11.69 15.58 -15.51
N ILE A 235 12.65 16.37 -16.03
CA ILE A 235 12.93 17.67 -15.40
C ILE A 235 13.70 18.64 -16.31
N TYR A 236 13.88 19.90 -15.87
CA TYR A 236 14.62 20.90 -16.65
C TYR A 236 15.71 21.73 -15.92
N LEU B 2 -5.68 14.93 -8.88
CA LEU B 2 -6.16 14.10 -7.77
C LEU B 2 -6.55 12.67 -8.16
N VAL B 3 -5.66 11.74 -7.86
CA VAL B 3 -5.76 10.32 -8.23
C VAL B 3 -7.00 9.62 -7.72
N GLN B 4 -7.84 9.14 -8.63
CA GLN B 4 -8.95 8.24 -8.28
C GLN B 4 -8.96 6.95 -9.12
N LEU B 5 -9.26 5.83 -8.48
CA LEU B 5 -9.46 4.57 -9.19
C LEU B 5 -10.86 4.00 -8.96
N LYS B 6 -11.77 4.31 -9.89
CA LYS B 6 -13.19 4.02 -9.72
C LYS B 6 -13.67 2.81 -10.52
N GLN B 7 -13.90 1.70 -9.80
CA GLN B 7 -14.43 0.47 -10.39
C GLN B 7 -15.93 0.51 -10.64
N SER B 8 -16.43 -0.61 -11.16
CA SER B 8 -17.83 -0.78 -11.50
C SER B 8 -17.90 -2.09 -12.24
N GLY B 9 -19.09 -2.68 -12.30
CA GLY B 9 -19.26 -3.94 -13.00
C GLY B 9 -20.47 -4.74 -12.53
N PRO B 10 -20.23 -5.94 -11.97
CA PRO B 10 -21.26 -6.79 -11.36
C PRO B 10 -21.53 -6.54 -9.86
N SER B 11 -20.91 -7.36 -9.01
CA SER B 11 -21.23 -7.47 -7.58
C SER B 11 -21.84 -8.85 -7.29
N LEU B 12 -22.92 -9.19 -8.00
CA LEU B 12 -23.51 -10.53 -7.91
C LEU B 12 -23.30 -11.32 -9.19
N VAL B 13 -22.70 -12.51 -9.04
CA VAL B 13 -22.21 -13.27 -10.20
C VAL B 13 -22.45 -14.76 -9.97
N GLN B 14 -23.02 -15.44 -10.97
CA GLN B 14 -23.41 -16.85 -10.84
C GLN B 14 -22.21 -17.78 -10.95
N PRO B 15 -22.16 -18.82 -10.10
CA PRO B 15 -21.05 -19.78 -10.05
C PRO B 15 -20.55 -20.24 -11.42
N SER B 16 -19.23 -20.33 -11.56
CA SER B 16 -18.61 -20.69 -12.84
C SER B 16 -19.00 -19.78 -14.02
N GLN B 17 -18.98 -18.47 -13.78
CA GLN B 17 -19.21 -17.50 -14.84
C GLN B 17 -17.97 -16.69 -15.04
N ARG B 18 -18.12 -15.59 -15.79
CA ARG B 18 -17.04 -14.63 -15.98
C ARG B 18 -17.27 -13.48 -15.04
N LEU B 19 -16.23 -13.17 -14.27
CA LEU B 19 -16.20 -11.97 -13.49
C LEU B 19 -15.50 -10.94 -14.37
N SER B 20 -16.05 -9.73 -14.41
CA SER B 20 -15.46 -8.70 -15.26
C SER B 20 -15.65 -7.32 -14.67
N ILE B 21 -14.64 -6.86 -13.92
CA ILE B 21 -14.64 -5.53 -13.31
C ILE B 21 -13.92 -4.56 -14.22
N THR B 22 -14.22 -3.26 -14.05
CA THR B 22 -13.61 -2.22 -14.86
C THR B 22 -13.12 -1.03 -14.05
N CYS B 23 -11.82 -1.06 -13.76
CA CYS B 23 -11.16 0.03 -13.06
C CYS B 23 -11.02 1.20 -14.00
N THR B 24 -11.32 2.40 -13.50
CA THR B 24 -11.25 3.59 -14.33
C THR B 24 -10.62 4.73 -13.56
N VAL B 25 -9.47 5.17 -14.09
CA VAL B 25 -8.51 6.02 -13.39
C VAL B 25 -8.55 7.49 -13.79
N SER B 26 -8.33 8.34 -12.81
CA SER B 26 -8.34 9.79 -13.02
C SER B 26 -7.17 10.48 -12.31
N GLY B 27 -6.77 11.62 -12.84
CA GLY B 27 -5.67 12.38 -12.29
C GLY B 27 -4.39 11.58 -12.40
N PHE B 28 -4.35 10.79 -13.47
CA PHE B 28 -3.13 10.08 -13.92
C PHE B 28 -3.36 9.18 -15.13
N SER B 29 -2.29 8.52 -15.57
CA SER B 29 -2.30 7.85 -16.87
C SER B 29 -1.66 6.48 -16.79
N LEU B 30 -2.08 5.58 -17.66
CA LEU B 30 -1.69 4.20 -17.52
C LEU B 30 -0.36 3.88 -18.20
N ILE B 31 0.15 4.84 -18.96
CA ILE B 31 1.46 4.69 -19.61
C ILE B 31 2.58 5.09 -18.68
N SER B 32 2.21 5.77 -17.60
CA SER B 32 3.14 6.27 -16.60
C SER B 32 3.32 5.30 -15.43
N TYR B 33 2.22 4.75 -14.93
CA TYR B 33 2.27 3.84 -13.80
C TYR B 33 1.63 2.49 -14.10
N GLY B 34 1.88 1.50 -13.24
CA GLY B 34 1.28 0.19 -13.38
C GLY B 34 0.05 0.04 -12.50
N VAL B 35 -0.73 -1.02 -12.72
CA VAL B 35 -1.99 -1.26 -11.97
C VAL B 35 -2.17 -2.68 -11.38
N HIS B 36 -2.24 -2.78 -10.05
CA HIS B 36 -2.33 -4.09 -9.38
C HIS B 36 -3.78 -4.44 -9.04
N TRP B 37 -4.07 -5.74 -8.97
CA TRP B 37 -5.36 -6.18 -8.45
C TRP B 37 -5.18 -7.03 -7.22
N VAL B 38 -5.77 -6.58 -6.11
CA VAL B 38 -5.87 -7.44 -4.93
C VAL B 38 -7.33 -7.68 -4.55
N ARG B 39 -7.62 -8.88 -4.05
CA ARG B 39 -8.95 -9.16 -3.49
C ARG B 39 -8.87 -9.48 -2.02
N GLN B 40 -9.93 -9.14 -1.29
CA GLN B 40 -9.99 -9.51 0.12
C GLN B 40 -11.21 -10.36 0.46
N SER B 41 -10.99 -11.62 0.81
CA SER B 41 -12.04 -12.47 1.36
C SER B 41 -11.81 -12.67 2.86
N PRO B 42 -12.88 -12.64 3.67
CA PRO B 42 -12.74 -12.65 5.13
C PRO B 42 -11.90 -13.84 5.59
N GLY B 43 -12.01 -14.92 4.81
CA GLY B 43 -11.32 -16.17 5.08
C GLY B 43 -9.83 -16.17 4.79
N LYS B 44 -9.42 -15.67 3.62
CA LYS B 44 -8.00 -15.68 3.23
C LYS B 44 -7.25 -14.37 3.50
N GLY B 45 -7.96 -13.38 4.03
CA GLY B 45 -7.38 -12.06 4.23
C GLY B 45 -7.12 -11.42 2.88
N LEU B 46 -5.91 -10.94 2.69
CA LEU B 46 -5.56 -10.27 1.44
C LEU B 46 -4.68 -11.12 0.55
N GLU B 47 -4.98 -11.10 -0.75
CA GLU B 47 -4.18 -11.84 -1.72
C GLU B 47 -3.87 -11.09 -3.04
N TRP B 48 -2.63 -11.22 -3.50
CA TRP B 48 -2.25 -10.59 -4.76
C TRP B 48 -2.70 -11.47 -5.94
N LEU B 49 -3.53 -10.90 -6.80
CA LEU B 49 -4.01 -11.60 -8.00
C LEU B 49 -3.10 -11.42 -9.22
N GLY B 50 -2.95 -10.17 -9.66
CA GLY B 50 -2.07 -9.86 -10.77
C GLY B 50 -1.78 -8.38 -10.96
N VAL B 51 -1.15 -8.07 -12.10
CA VAL B 51 -0.66 -6.73 -12.37
C VAL B 51 -0.54 -6.47 -13.86
N ILE B 52 -1.04 -5.31 -14.29
CA ILE B 52 -0.90 -4.85 -15.67
C ILE B 52 0.01 -3.63 -15.73
N TRP B 53 1.25 -3.86 -16.12
CA TRP B 53 2.29 -2.83 -16.09
C TRP B 53 2.02 -1.58 -16.93
N ARG B 54 2.87 -0.56 -16.79
CA ARG B 54 2.75 0.62 -17.65
C ARG B 54 3.03 0.10 -19.03
N GLY B 55 4.08 -0.73 -19.11
CA GLY B 55 4.44 -1.42 -20.34
C GLY B 55 3.27 -2.05 -21.06
N GLY B 56 2.53 -2.90 -20.35
CA GLY B 56 1.42 -3.63 -20.93
C GLY B 56 1.53 -5.09 -20.57
N SER B 57 2.77 -5.52 -20.33
CA SER B 57 3.03 -6.90 -19.93
C SER B 57 2.24 -7.21 -18.70
N THR B 58 2.12 -8.49 -18.38
CA THR B 58 1.43 -8.85 -17.16
C THR B 58 2.06 -10.02 -16.50
N ASP B 59 1.98 -9.95 -15.17
CA ASP B 59 2.40 -11.03 -14.31
C ASP B 59 1.19 -11.45 -13.48
N TYR B 60 1.00 -12.76 -13.34
CA TYR B 60 -0.17 -13.32 -12.68
C TYR B 60 0.19 -14.24 -11.51
N ASN B 61 -0.69 -14.31 -10.51
CA ASN B 61 -0.43 -15.21 -9.40
C ASN B 61 -0.45 -16.68 -9.82
N ALA B 62 0.63 -17.38 -9.50
CA ALA B 62 0.80 -18.79 -9.88
C ALA B 62 -0.53 -19.52 -10.11
N ALA B 63 -1.46 -19.30 -9.18
CA ALA B 63 -2.70 -20.05 -9.09
C ALA B 63 -3.73 -19.72 -10.17
N PHE B 64 -3.98 -18.43 -10.35
CA PHE B 64 -5.05 -17.94 -11.21
C PHE B 64 -4.59 -17.71 -12.63
N MET B 65 -3.30 -17.89 -12.90
CA MET B 65 -2.76 -17.63 -14.23
C MET B 65 -3.58 -18.44 -15.22
N SER B 66 -4.21 -19.48 -14.70
CA SER B 66 -5.17 -20.28 -15.46
C SER B 66 -6.31 -19.43 -16.02
N ARG B 67 -7.09 -18.82 -15.14
CA ARG B 67 -8.35 -18.19 -15.54
C ARG B 67 -8.30 -16.68 -15.58
N LEU B 68 -7.11 -16.11 -15.52
CA LEU B 68 -6.99 -14.67 -15.36
C LEU B 68 -6.69 -13.94 -16.65
N SER B 69 -7.18 -12.69 -16.71
CA SER B 69 -6.94 -11.84 -17.86
C SER B 69 -7.08 -10.33 -17.57
N ILE B 70 -5.99 -9.71 -17.13
CA ILE B 70 -5.95 -8.24 -17.01
C ILE B 70 -5.50 -7.63 -18.35
N THR B 71 -6.04 -6.46 -18.66
CA THR B 71 -5.86 -5.82 -19.95
C THR B 71 -6.34 -4.37 -19.77
N LYS B 72 -5.86 -3.44 -20.59
CA LYS B 72 -6.25 -2.04 -20.38
C LYS B 72 -6.54 -1.28 -21.67
N ASP B 73 -7.25 -0.16 -21.54
CA ASP B 73 -7.46 0.75 -22.67
C ASP B 73 -6.96 2.12 -22.32
N ASN B 74 -5.75 2.43 -22.77
CA ASN B 74 -5.07 3.62 -22.32
C ASN B 74 -5.76 4.91 -22.72
N SER B 75 -6.35 4.92 -23.91
CA SER B 75 -7.03 6.10 -24.42
C SER B 75 -8.12 6.56 -23.45
N LYS B 76 -8.84 5.61 -22.86
CA LYS B 76 -9.89 5.96 -21.91
C LYS B 76 -9.51 5.65 -20.46
N SER B 77 -8.23 5.40 -20.23
CA SER B 77 -7.72 5.13 -18.89
C SER B 77 -8.61 4.22 -18.07
N GLN B 78 -8.70 2.95 -18.48
CA GLN B 78 -9.42 1.96 -17.70
C GLN B 78 -8.81 0.57 -17.89
N VAL B 79 -8.85 -0.23 -16.82
CA VAL B 79 -8.27 -1.58 -16.79
C VAL B 79 -9.33 -2.63 -16.62
N PHE B 80 -9.11 -3.78 -17.23
CA PHE B 80 -10.13 -4.79 -17.39
C PHE B 80 -9.70 -6.09 -16.73
N PHE B 81 -10.26 -6.33 -15.56
CA PHE B 81 -10.12 -7.60 -14.88
C PHE B 81 -11.15 -8.55 -15.48
N LYS B 82 -10.78 -9.83 -15.56
CA LYS B 82 -11.60 -10.87 -16.15
C LYS B 82 -11.15 -12.22 -15.62
N MET B 83 -12.03 -12.90 -14.90
CA MET B 83 -11.71 -14.19 -14.28
C MET B 83 -12.72 -15.25 -14.67
N ASN B 84 -12.23 -16.45 -14.93
CA ASN B 84 -13.06 -17.50 -15.51
C ASN B 84 -13.39 -18.61 -14.53
N SER B 85 -14.42 -19.39 -14.87
CA SER B 85 -14.91 -20.47 -14.01
C SER B 85 -14.82 -20.12 -12.53
N LEU B 86 -15.66 -19.16 -12.13
CA LEU B 86 -15.74 -18.72 -10.75
C LEU B 86 -16.19 -19.81 -9.80
N GLN B 87 -16.37 -19.43 -8.55
CA GLN B 87 -16.73 -20.39 -7.51
C GLN B 87 -17.16 -19.72 -6.22
N ALA B 88 -17.40 -20.56 -5.21
CA ALA B 88 -17.86 -20.08 -3.92
C ALA B 88 -16.88 -19.06 -3.36
N ASP B 89 -15.62 -19.47 -3.20
CA ASP B 89 -14.65 -18.64 -2.52
C ASP B 89 -14.12 -17.44 -3.33
N ASP B 90 -14.37 -17.43 -4.63
CA ASP B 90 -14.11 -16.24 -5.43
C ASP B 90 -14.99 -15.08 -4.99
N THR B 91 -15.55 -15.18 -3.79
CA THR B 91 -16.39 -14.13 -3.22
C THR B 91 -15.47 -13.28 -2.35
N ALA B 92 -15.56 -11.96 -2.51
CA ALA B 92 -14.59 -11.09 -1.90
C ALA B 92 -14.83 -9.69 -2.40
N ILE B 93 -14.03 -8.74 -1.90
CA ILE B 93 -13.94 -7.43 -2.56
C ILE B 93 -12.68 -7.41 -3.40
N TYR B 94 -12.81 -6.87 -4.61
CA TYR B 94 -11.69 -6.74 -5.52
C TYR B 94 -11.33 -5.30 -5.69
N PHE B 95 -10.06 -4.98 -5.47
CA PHE B 95 -9.55 -3.61 -5.61
C PHE B 95 -8.55 -3.48 -6.75
N CYS B 96 -8.41 -2.27 -7.29
CA CYS B 96 -7.22 -1.92 -8.07
C CYS B 96 -6.30 -1.01 -7.24
N ALA B 97 -5.20 -0.54 -7.81
CA ALA B 97 -4.28 0.34 -7.07
C ALA B 97 -3.23 0.96 -7.98
N LYS B 98 -2.90 2.24 -7.79
CA LYS B 98 -1.78 2.90 -8.53
C LYS B 98 -0.52 2.37 -7.89
N THR B 99 0.27 1.69 -8.69
CA THR B 99 1.67 1.46 -8.46
C THR B 99 2.28 2.83 -8.03
N LEU B 100 2.92 2.90 -6.85
CA LEU B 100 3.64 4.12 -6.38
C LEU B 100 4.91 4.08 -7.18
N ILE B 101 5.32 5.20 -7.80
CA ILE B 101 6.37 5.16 -8.87
C ILE B 101 6.03 4.37 -10.18
N THR B 102 6.69 4.68 -11.28
CA THR B 102 6.49 3.96 -12.53
C THR B 102 6.23 2.46 -12.44
N THR B 103 7.11 1.79 -11.72
CA THR B 103 7.17 0.34 -11.72
C THR B 103 7.66 -0.11 -10.36
N GLY B 104 6.70 -0.46 -9.52
CA GLY B 104 6.97 -0.84 -8.15
C GLY B 104 5.76 -1.58 -7.63
N TYR B 105 5.78 -1.95 -6.36
CA TYR B 105 4.73 -2.80 -5.81
C TYR B 105 3.90 -2.12 -4.77
N ALA B 106 4.53 -1.31 -3.94
CA ALA B 106 3.75 -0.46 -3.06
C ALA B 106 2.76 0.30 -3.93
N MET B 107 1.48 0.25 -3.56
CA MET B 107 0.41 0.91 -4.31
C MET B 107 -0.19 2.07 -3.53
N ASP B 108 -0.03 3.29 -4.03
CA ASP B 108 -0.44 4.48 -3.29
C ASP B 108 -1.93 4.68 -3.27
N TYR B 109 -2.52 4.93 -4.44
CA TYR B 109 -3.96 5.16 -4.53
C TYR B 109 -4.81 3.95 -4.96
N TRP B 110 -5.54 3.38 -4.00
CA TRP B 110 -6.42 2.21 -4.19
C TRP B 110 -7.84 2.52 -4.68
N GLY B 111 -8.46 1.54 -5.34
CA GLY B 111 -9.83 1.69 -5.83
C GLY B 111 -10.84 1.47 -4.71
N GLN B 112 -12.08 1.90 -4.93
CA GLN B 112 -13.10 1.79 -3.90
C GLN B 112 -13.31 0.33 -3.46
N GLY B 113 -13.00 -0.59 -4.37
CA GLY B 113 -13.27 -2.01 -4.15
C GLY B 113 -14.67 -2.36 -4.62
N THR B 114 -14.86 -3.58 -5.08
CA THR B 114 -16.21 -4.01 -5.39
C THR B 114 -16.51 -5.34 -4.70
N SER B 115 -17.49 -5.31 -3.80
CA SER B 115 -17.92 -6.53 -3.11
C SER B 115 -18.56 -7.43 -4.14
N VAL B 116 -18.01 -8.64 -4.27
CA VAL B 116 -18.55 -9.61 -5.19
C VAL B 116 -18.99 -10.83 -4.40
N THR B 117 -20.17 -11.33 -4.76
CA THR B 117 -20.75 -12.49 -4.14
C THR B 117 -21.04 -13.45 -5.27
N VAL B 118 -20.48 -14.65 -5.20
CA VAL B 118 -20.68 -15.66 -6.23
C VAL B 118 -21.77 -16.64 -5.84
N SER B 119 -23.01 -16.42 -6.31
CA SER B 119 -24.10 -17.34 -6.01
C SER B 119 -25.25 -17.38 -7.03
N SER B 120 -25.79 -18.59 -7.23
CA SER B 120 -27.09 -18.77 -7.84
C SER B 120 -28.07 -18.51 -6.71
N ALA B 121 -29.09 -17.71 -6.97
CA ALA B 121 -30.01 -17.30 -5.90
C ALA B 121 -30.69 -15.98 -6.24
N LYS B 122 -31.85 -16.05 -6.89
CA LYS B 122 -32.54 -14.84 -7.37
C LYS B 122 -32.57 -13.69 -6.37
N THR B 123 -32.84 -12.50 -6.88
CA THR B 123 -32.73 -11.28 -6.10
C THR B 123 -34.01 -11.06 -5.31
N THR B 124 -33.90 -10.99 -3.99
CA THR B 124 -35.07 -10.84 -3.15
C THR B 124 -35.13 -9.44 -2.56
N PRO B 125 -36.22 -8.70 -2.85
CA PRO B 125 -36.48 -7.48 -2.08
C PRO B 125 -36.59 -7.80 -0.61
N PRO B 126 -36.12 -6.89 0.25
CA PRO B 126 -36.25 -7.13 1.69
C PRO B 126 -37.67 -6.83 2.11
N SER B 127 -38.08 -7.37 3.24
CA SER B 127 -39.34 -6.96 3.81
C SER B 127 -38.98 -6.18 5.08
N VAL B 128 -39.52 -4.98 5.19
CA VAL B 128 -39.08 -4.06 6.24
C VAL B 128 -40.13 -3.92 7.31
N TYR B 129 -39.84 -4.47 8.48
CA TYR B 129 -40.78 -4.43 9.60
C TYR B 129 -40.39 -3.37 10.61
N PRO B 130 -41.38 -2.68 11.17
CA PRO B 130 -41.16 -1.62 12.15
C PRO B 130 -40.88 -2.26 13.50
N LEU B 131 -40.34 -1.49 14.43
CA LEU B 131 -40.01 -2.01 15.74
C LEU B 131 -40.26 -1.00 16.86
N ALA B 132 -41.32 -1.21 17.64
CA ALA B 132 -41.73 -0.29 18.69
C ALA B 132 -41.96 -0.99 20.04
N PRO B 133 -41.64 -0.29 21.14
CA PRO B 133 -41.77 -0.86 22.49
C PRO B 133 -43.20 -1.31 22.78
N GLY B 134 -43.35 -2.39 23.55
CA GLY B 134 -44.66 -2.93 23.88
C GLY B 134 -45.55 -2.02 24.72
N SER B 135 -46.67 -1.60 24.13
CA SER B 135 -47.66 -0.78 24.81
C SER B 135 -47.69 -1.12 26.30
N ALA B 136 -48.27 -2.27 26.62
CA ALA B 136 -48.32 -2.75 27.99
C ALA B 136 -48.46 -4.27 28.03
N SER B 141 -34.69 8.19 31.93
CA SER B 141 -35.62 7.56 31.00
C SER B 141 -35.50 8.12 29.59
N MET B 142 -35.58 7.22 28.61
CA MET B 142 -35.42 7.58 27.22
C MET B 142 -36.35 6.75 26.32
N VAL B 143 -35.99 6.63 25.06
CA VAL B 143 -36.70 5.77 24.11
C VAL B 143 -35.84 5.49 22.89
N THR B 144 -35.69 4.21 22.57
CA THR B 144 -34.86 3.79 21.46
C THR B 144 -35.69 2.93 20.50
N LEU B 145 -35.45 3.05 19.19
CA LEU B 145 -36.19 2.27 18.21
C LEU B 145 -35.29 1.57 17.20
N GLY B 146 -35.87 1.18 16.07
CA GLY B 146 -35.12 0.49 15.03
C GLY B 146 -36.01 -0.16 13.99
N CYS B 147 -35.42 -0.54 12.87
CA CYS B 147 -36.16 -1.21 11.81
C CYS B 147 -35.69 -2.64 11.67
N LEU B 148 -36.53 -3.47 11.07
CA LEU B 148 -36.11 -4.82 10.73
C LEU B 148 -36.21 -5.08 9.23
N VAL B 149 -35.06 -5.16 8.59
CA VAL B 149 -34.98 -5.48 7.17
C VAL B 149 -34.74 -6.98 7.04
N LYS B 150 -35.74 -7.69 6.54
CA LYS B 150 -35.63 -9.15 6.46
C LYS B 150 -35.77 -9.72 5.04
N GLY B 151 -34.96 -10.73 4.77
CA GLY B 151 -35.10 -11.56 3.59
C GLY B 151 -34.93 -10.86 2.26
N TYR B 152 -33.66 -10.60 1.91
CA TYR B 152 -33.32 -9.95 0.64
C TYR B 152 -32.02 -10.49 0.04
N PHE B 153 -31.90 -10.37 -1.27
CA PHE B 153 -30.70 -10.80 -1.95
C PHE B 153 -30.34 -9.92 -3.14
N PRO B 154 -29.06 -9.58 -3.28
CA PRO B 154 -28.06 -9.92 -2.26
C PRO B 154 -27.74 -8.65 -1.50
N GLU B 155 -26.52 -8.57 -0.98
CA GLU B 155 -26.01 -7.30 -0.48
C GLU B 155 -25.87 -6.27 -1.63
N PRO B 156 -25.99 -4.99 -1.31
CA PRO B 156 -26.19 -4.49 0.05
C PRO B 156 -27.51 -3.76 0.17
N VAL B 157 -27.70 -3.16 1.33
CA VAL B 157 -28.91 -2.43 1.60
C VAL B 157 -28.58 -1.17 2.38
N THR B 158 -29.24 -0.09 1.99
CA THR B 158 -28.99 1.18 2.63
C THR B 158 -30.20 1.58 3.47
N VAL B 159 -29.96 1.75 4.77
CA VAL B 159 -30.97 2.19 5.72
C VAL B 159 -30.68 3.62 6.16
N THR B 160 -31.70 4.48 6.15
CA THR B 160 -31.58 5.85 6.63
C THR B 160 -32.76 6.15 7.55
N TRP B 161 -32.69 7.27 8.27
CA TRP B 161 -33.76 7.65 9.19
C TRP B 161 -34.23 9.09 8.93
N ASN B 162 -35.55 9.25 8.81
CA ASN B 162 -36.16 10.54 8.47
C ASN B 162 -35.72 11.01 7.10
N SER B 163 -35.79 10.09 6.13
CA SER B 163 -35.28 10.34 4.78
C SER B 163 -33.77 10.63 4.77
N GLY B 164 -33.25 11.10 5.90
CA GLY B 164 -31.84 11.39 6.05
C GLY B 164 -31.60 12.43 7.12
N SER B 165 -31.96 12.11 8.35
CA SER B 165 -31.85 13.08 9.44
C SER B 165 -30.91 12.61 10.54
N LEU B 166 -31.48 11.96 11.56
CA LEU B 166 -30.72 11.58 12.74
C LEU B 166 -29.52 10.71 12.40
N SER B 167 -28.55 10.64 13.31
CA SER B 167 -27.33 9.88 13.06
C SER B 167 -26.57 9.64 14.36
N SER B 168 -26.95 10.38 15.39
CA SER B 168 -26.28 10.30 16.68
C SER B 168 -26.59 9.00 17.41
N GLY B 169 -25.54 8.26 17.76
CA GLY B 169 -25.69 7.02 18.53
C GLY B 169 -26.60 5.99 17.87
N VAL B 170 -27.04 6.28 16.66
CA VAL B 170 -27.82 5.33 15.86
C VAL B 170 -26.86 4.36 15.18
N HIS B 171 -27.00 3.07 15.45
CA HIS B 171 -26.02 2.13 14.94
C HIS B 171 -26.63 0.89 14.30
N THR B 172 -26.74 0.96 12.97
CA THR B 172 -27.25 -0.11 12.09
C THR B 172 -26.30 -1.31 11.99
N PHE B 173 -26.89 -2.50 12.05
CA PHE B 173 -26.17 -3.75 12.25
C PHE B 173 -25.78 -4.51 11.00
N PRO B 174 -24.79 -5.42 11.13
CA PRO B 174 -24.38 -6.38 10.11
C PRO B 174 -25.50 -7.31 9.68
N ALA B 175 -25.64 -7.50 8.38
CA ALA B 175 -26.59 -8.46 7.84
C ALA B 175 -26.15 -9.88 8.18
N VAL B 176 -27.09 -10.81 8.23
CA VAL B 176 -26.77 -12.22 8.47
C VAL B 176 -27.35 -13.11 7.39
N LEU B 177 -26.69 -14.23 7.12
CA LEU B 177 -27.15 -15.12 6.07
C LEU B 177 -27.65 -16.46 6.59
N GLN B 178 -28.96 -16.67 6.44
CA GLN B 178 -29.57 -17.96 6.67
C GLN B 178 -30.21 -18.36 5.36
N SER B 179 -29.87 -19.55 4.86
CA SER B 179 -30.47 -20.07 3.64
C SER B 179 -30.60 -19.00 2.56
N ASP B 180 -29.47 -18.46 2.14
CA ASP B 180 -29.43 -17.40 1.12
C ASP B 180 -30.51 -16.31 1.22
N LEU B 181 -30.63 -15.74 2.40
CA LEU B 181 -31.38 -14.51 2.61
C LEU B 181 -30.75 -13.72 3.77
N TYR B 182 -30.56 -12.44 3.54
CA TYR B 182 -29.88 -11.62 4.51
C TYR B 182 -30.91 -11.00 5.41
N THR B 183 -30.49 -10.66 6.62
CA THR B 183 -31.37 -9.99 7.56
C THR B 183 -30.58 -9.11 8.51
N LEU B 184 -31.16 -7.96 8.85
CA LEU B 184 -30.49 -7.06 9.76
C LEU B 184 -31.46 -6.06 10.34
N SER B 185 -30.96 -5.29 11.30
CA SER B 185 -31.79 -4.41 12.07
C SER B 185 -31.05 -3.10 12.28
N SER B 186 -31.79 -2.01 12.41
CA SER B 186 -31.22 -0.70 12.67
C SER B 186 -31.65 -0.22 14.05
N SER B 187 -30.77 0.50 14.76
CA SER B 187 -31.13 1.03 16.06
C SER B 187 -31.20 2.55 16.01
N VAL B 188 -31.68 3.16 17.10
CA VAL B 188 -31.79 4.61 17.20
C VAL B 188 -32.29 5.02 18.58
N THR B 189 -31.60 5.97 19.21
CA THR B 189 -31.95 6.39 20.56
C THR B 189 -32.34 7.87 20.65
N VAL B 190 -33.23 8.18 21.60
CA VAL B 190 -33.65 9.55 21.88
C VAL B 190 -34.10 9.69 23.34
N PRO B 191 -34.58 10.89 23.73
CA PRO B 191 -35.23 11.04 25.04
C PRO B 191 -36.71 10.67 25.00
N SER B 192 -37.24 10.22 26.14
CA SER B 192 -38.65 9.85 26.23
C SER B 192 -39.51 10.93 25.58
N SER B 193 -39.03 12.17 25.67
CA SER B 193 -39.76 13.35 25.22
C SER B 193 -40.01 13.39 23.71
N THR B 194 -38.96 13.21 22.93
CA THR B 194 -39.04 13.45 21.49
C THR B 194 -39.76 12.35 20.70
N TRP B 195 -40.50 11.49 21.40
CA TRP B 195 -41.37 10.49 20.74
C TRP B 195 -42.52 10.09 21.67
N PRO B 196 -43.69 9.78 21.10
CA PRO B 196 -44.00 9.67 19.66
C PRO B 196 -44.42 10.96 18.97
N SER B 197 -44.33 12.09 19.67
CA SER B 197 -44.74 13.37 19.10
C SER B 197 -44.12 13.64 17.73
N GLU B 198 -42.83 13.31 17.60
CA GLU B 198 -42.10 13.53 16.36
C GLU B 198 -42.31 12.39 15.35
N THR B 199 -41.68 12.56 14.19
CA THR B 199 -41.69 11.55 13.14
C THR B 199 -40.35 10.80 13.14
N VAL B 200 -40.40 9.50 12.88
CA VAL B 200 -39.19 8.66 12.95
C VAL B 200 -39.14 7.68 11.77
N THR B 201 -39.45 8.17 10.58
CA THR B 201 -39.48 7.34 9.38
C THR B 201 -38.23 6.48 9.21
N CYS B 202 -38.42 5.31 8.60
CA CYS B 202 -37.33 4.38 8.31
C CYS B 202 -37.17 4.26 6.80
N ASN B 203 -35.98 4.52 6.30
CA ASN B 203 -35.77 4.53 4.86
C ASN B 203 -34.79 3.48 4.41
N VAL B 204 -35.29 2.51 3.66
CA VAL B 204 -34.46 1.40 3.21
C VAL B 204 -34.36 1.37 1.68
N ALA B 205 -33.17 1.12 1.16
CA ALA B 205 -32.99 0.99 -0.27
C ALA B 205 -32.31 -0.34 -0.62
N HIS B 206 -32.93 -1.10 -1.51
CA HIS B 206 -32.28 -2.28 -2.05
C HIS B 206 -31.97 -1.99 -3.51
N PRO B 207 -30.71 -1.65 -3.77
CA PRO B 207 -30.25 -1.19 -5.08
C PRO B 207 -30.27 -2.31 -6.11
N ALA B 208 -30.09 -3.54 -5.64
CA ALA B 208 -30.01 -4.68 -6.55
C ALA B 208 -31.36 -5.02 -7.17
N SER B 209 -32.40 -5.02 -6.34
CA SER B 209 -33.75 -5.26 -6.82
C SER B 209 -34.41 -3.94 -7.20
N SER B 210 -33.58 -2.95 -7.54
CA SER B 210 -34.04 -1.59 -7.84
C SER B 210 -35.29 -1.20 -7.05
N THR B 211 -35.23 -1.31 -5.73
CA THR B 211 -36.36 -0.97 -4.86
C THR B 211 -35.94 -0.14 -3.65
N LYS B 212 -36.85 0.72 -3.21
CA LYS B 212 -36.66 1.46 -1.96
C LYS B 212 -38.01 1.57 -1.23
N VAL B 213 -37.95 1.76 0.09
CA VAL B 213 -39.14 1.68 0.94
C VAL B 213 -38.98 2.49 2.23
N ASP B 214 -40.09 3.04 2.71
CA ASP B 214 -40.09 3.78 3.96
C ASP B 214 -41.11 3.17 4.94
N LYS B 215 -40.82 3.25 6.23
CA LYS B 215 -41.65 2.60 7.24
C LYS B 215 -41.58 3.30 8.59
N LYS B 216 -42.55 4.15 8.90
CA LYS B 216 -42.50 4.85 10.18
C LYS B 216 -43.01 4.04 11.35
N ILE B 217 -42.32 4.22 12.47
CA ILE B 217 -42.61 3.51 13.71
C ILE B 217 -43.74 4.19 14.48
N GLU B 218 -44.85 3.48 14.64
CA GLU B 218 -46.04 3.99 15.34
C GLU B 218 -46.02 3.58 16.81
N ASN B 219 -47.21 3.37 17.38
CA ASN B 219 -47.29 2.88 18.74
C ASN B 219 -48.31 1.75 18.84
N ARG B 220 -48.61 1.27 20.05
CA ARG B 220 -49.39 0.05 20.21
C ARG B 220 -50.67 0.21 21.03
N ILE C 1 6.88 -17.63 0.09
CA ILE C 1 7.27 -16.60 1.07
C ILE C 1 6.06 -16.01 1.77
N GLN C 2 5.97 -16.19 3.09
CA GLN C 2 4.74 -15.93 3.82
C GLN C 2 4.89 -14.94 4.96
N MET C 3 3.87 -14.10 5.11
CA MET C 3 3.87 -12.98 6.06
C MET C 3 2.98 -13.24 7.26
N THR C 4 3.60 -13.24 8.44
CA THR C 4 2.90 -13.65 9.65
C THR C 4 2.99 -12.54 10.69
N GLN C 5 1.88 -11.83 10.87
CA GLN C 5 1.90 -10.61 11.67
C GLN C 5 1.85 -10.90 13.17
N SER C 6 1.65 -12.17 13.51
CA SER C 6 1.59 -12.63 14.89
C SER C 6 0.34 -12.13 15.58
N SER C 7 0.55 -11.27 16.57
CA SER C 7 -0.53 -10.53 17.21
C SER C 7 -1.61 -10.18 16.20
N SER C 8 -2.86 -10.53 16.51
CA SER C 8 -3.96 -10.31 15.58
C SER C 8 -4.88 -9.18 16.07
N SER C 9 -5.01 -9.06 17.39
CA SER C 9 -5.77 -7.96 17.95
C SER C 9 -4.94 -7.25 19.02
N PHE C 10 -5.26 -5.98 19.23
CA PHE C 10 -4.61 -5.18 20.24
C PHE C 10 -5.58 -4.15 20.81
N SER C 11 -5.46 -3.88 22.09
CA SER C 11 -6.11 -2.74 22.67
C SER C 11 -5.12 -2.04 23.59
N VAL C 12 -4.99 -0.74 23.40
CA VAL C 12 -4.24 0.10 24.31
C VAL C 12 -4.86 1.47 24.26
N SER C 13 -4.74 2.21 25.35
CA SER C 13 -5.48 3.46 25.53
C SER C 13 -4.93 4.57 24.66
N LEU C 14 -5.74 5.61 24.43
CA LEU C 14 -5.31 6.75 23.63
C LEU C 14 -4.00 7.33 24.20
N GLY C 15 -3.20 7.95 23.34
CA GLY C 15 -1.94 8.53 23.77
C GLY C 15 -0.90 7.47 24.11
N ASP C 16 -1.31 6.20 24.06
CA ASP C 16 -0.39 5.09 24.27
C ASP C 16 0.45 4.85 23.03
N ARG C 17 1.59 4.19 23.22
CA ARG C 17 2.56 4.07 22.15
C ARG C 17 2.60 2.64 21.62
N VAL C 18 1.94 2.42 20.47
CA VAL C 18 1.69 1.08 19.97
C VAL C 18 2.74 0.54 19.01
N THR C 19 2.86 -0.79 18.95
CA THR C 19 3.82 -1.45 18.05
C THR C 19 3.34 -2.80 17.49
N ILE C 20 3.64 -3.02 16.20
CA ILE C 20 3.24 -4.22 15.44
C ILE C 20 4.41 -4.96 14.81
N THR C 21 4.23 -6.25 14.55
CA THR C 21 5.30 -7.07 13.99
C THR C 21 4.90 -7.80 12.73
N CYS C 22 5.89 -8.00 11.88
CA CYS C 22 5.73 -8.72 10.64
C CYS C 22 6.99 -9.55 10.52
N LYS C 23 6.87 -10.76 10.00
CA LYS C 23 8.05 -11.59 9.80
C LYS C 23 7.81 -12.49 8.62
N ALA C 24 8.87 -12.76 7.86
CA ALA C 24 8.72 -13.49 6.61
C ALA C 24 9.39 -14.84 6.68
N SER C 25 8.89 -15.79 5.91
CA SER C 25 9.58 -17.07 5.71
C SER C 25 11.09 -16.87 5.53
N GLU C 26 11.47 -15.86 4.75
CA GLU C 26 12.88 -15.63 4.44
C GLU C 26 13.19 -14.15 4.34
N ASP C 27 14.49 -13.82 4.32
CA ASP C 27 14.96 -12.45 4.21
C ASP C 27 14.28 -11.77 3.00
N ILE C 28 13.58 -10.65 3.25
CA ILE C 28 12.93 -9.93 2.15
C ILE C 28 13.64 -8.62 1.78
N TYR C 29 14.79 -8.41 2.41
CA TYR C 29 15.67 -7.35 1.95
C TYR C 29 14.87 -6.07 1.72
N ASN C 30 13.95 -5.81 2.64
CA ASN C 30 13.31 -4.50 2.82
C ASN C 30 12.20 -4.20 1.86
N ARG C 31 11.93 -5.17 1.02
CA ARG C 31 10.80 -5.12 0.12
C ARG C 31 9.47 -5.23 0.88
N LEU C 32 9.12 -4.22 1.67
CA LEU C 32 7.97 -4.35 2.57
C LEU C 32 7.14 -3.06 2.76
N ALA C 33 5.83 -3.22 2.85
CA ALA C 33 4.96 -2.05 2.89
C ALA C 33 3.85 -2.21 3.91
N TRP C 34 3.56 -1.15 4.63
CA TRP C 34 2.49 -1.18 5.62
C TRP C 34 1.28 -0.47 5.06
N TYR C 35 0.13 -1.13 5.25
CA TYR C 35 -1.16 -0.60 4.84
C TYR C 35 -2.14 -0.51 6.01
N GLN C 36 -2.87 0.60 6.07
CA GLN C 36 -3.81 0.86 7.17
C GLN C 36 -5.24 0.86 6.68
N GLN C 37 -5.96 -0.21 7.01
CA GLN C 37 -7.33 -0.35 6.54
C GLN C 37 -8.38 -0.07 7.60
N LYS C 38 -9.11 1.01 7.43
CA LYS C 38 -10.28 1.26 8.25
C LYS C 38 -11.47 0.63 7.56
N PRO C 39 -12.11 -0.35 8.22
CA PRO C 39 -13.21 -1.14 7.67
C PRO C 39 -14.29 -0.24 7.10
N GLY C 40 -14.80 -0.61 5.92
CA GLY C 40 -15.77 0.20 5.21
C GLY C 40 -15.09 1.21 4.29
N ASN C 41 -13.86 0.89 3.92
CA ASN C 41 -13.06 1.79 3.13
C ASN C 41 -11.90 1.01 2.55
N ALA C 42 -11.34 1.53 1.47
CA ALA C 42 -10.19 0.93 0.82
C ALA C 42 -8.94 1.20 1.68
N PRO C 43 -7.99 0.24 1.70
CA PRO C 43 -6.72 0.34 2.44
C PRO C 43 -5.79 1.47 1.98
N ARG C 44 -4.92 1.89 2.90
CA ARG C 44 -4.17 3.11 2.73
C ARG C 44 -2.69 2.79 2.73
N LEU C 45 -1.94 3.36 1.79
CA LEU C 45 -0.50 3.22 1.85
C LEU C 45 0.09 4.12 2.92
N LEU C 46 0.90 3.51 3.77
CA LEU C 46 1.53 4.23 4.86
C LEU C 46 3.04 4.26 4.64
N ILE C 47 3.63 3.09 4.46
CA ILE C 47 5.06 2.96 4.41
C ILE C 47 5.49 1.96 3.34
N SER C 48 6.59 2.28 2.67
CA SER C 48 7.09 1.47 1.56
C SER C 48 8.57 1.27 1.73
N GLY C 49 9.08 0.16 1.18
CA GLY C 49 10.49 -0.17 1.32
C GLY C 49 10.95 -0.16 2.76
N ALA C 50 10.09 -0.72 3.62
CA ALA C 50 10.31 -0.80 5.08
C ALA C 50 10.13 0.49 5.89
N THR C 51 10.71 1.62 5.45
CA THR C 51 10.76 2.82 6.29
C THR C 51 10.36 4.16 5.65
N SER C 52 10.20 4.19 4.33
CA SER C 52 9.90 5.46 3.68
C SER C 52 8.42 5.79 3.80
N LEU C 53 8.11 6.97 4.29
CA LEU C 53 6.78 7.28 4.76
C LEU C 53 5.77 7.47 3.64
N GLU C 54 5.28 8.69 3.54
CA GLU C 54 4.31 9.03 2.51
C GLU C 54 3.59 10.33 2.88
N THR C 55 3.18 11.07 1.87
CA THR C 55 2.50 12.33 2.06
C THR C 55 1.26 12.13 2.91
N GLY C 56 0.82 13.20 3.56
CA GLY C 56 -0.38 13.13 4.39
C GLY C 56 -0.11 12.43 5.70
N VAL C 57 0.28 11.15 5.62
CA VAL C 57 0.72 10.36 6.78
C VAL C 57 1.49 11.15 7.85
N PRO C 58 0.94 11.21 9.07
CA PRO C 58 1.49 12.00 10.16
C PRO C 58 2.86 11.54 10.59
N SER C 59 3.68 12.52 10.97
CA SER C 59 5.06 12.30 11.39
C SER C 59 5.17 11.33 12.56
N ARG C 60 4.03 11.00 13.16
CA ARG C 60 3.93 10.07 14.28
C ARG C 60 4.40 8.67 13.96
N PHE C 61 4.26 8.31 12.68
CA PHE C 61 4.43 6.92 12.27
C PHE C 61 5.88 6.49 12.02
N SER C 62 6.22 5.29 12.50
CA SER C 62 7.59 4.80 12.50
C SER C 62 7.74 3.58 11.64
N GLY C 63 8.63 3.65 10.66
CA GLY C 63 8.98 2.50 9.87
C GLY C 63 10.34 2.01 10.28
N SER C 64 10.40 0.76 10.73
CA SER C 64 11.67 0.17 11.14
C SER C 64 11.64 -1.30 10.81
N GLY C 65 12.73 -1.99 11.16
CA GLY C 65 12.81 -3.43 11.02
C GLY C 65 13.91 -3.85 10.09
N SER C 66 14.48 -5.04 10.28
CA SER C 66 15.50 -5.49 9.35
C SER C 66 15.68 -7.00 9.28
N GLY C 67 16.04 -7.46 8.09
CA GLY C 67 16.27 -8.86 7.83
C GLY C 67 14.97 -9.59 7.59
N LYS C 68 14.39 -10.09 8.68
CA LYS C 68 13.14 -10.81 8.59
C LYS C 68 12.04 -10.19 9.42
N ASP C 69 12.41 -9.31 10.34
CA ASP C 69 11.46 -8.79 11.30
C ASP C 69 11.25 -7.28 11.16
N TYR C 70 10.07 -6.91 10.68
CA TYR C 70 9.71 -5.50 10.53
C TYR C 70 8.59 -5.11 11.49
N THR C 71 8.23 -3.84 11.45
CA THR C 71 7.72 -3.16 12.63
C THR C 71 6.98 -1.89 12.28
N LEU C 72 5.70 -1.79 12.64
CA LEU C 72 5.08 -0.46 12.62
C LEU C 72 4.98 0.11 14.03
N SER C 73 4.97 1.44 14.14
CA SER C 73 4.93 2.08 15.45
C SER C 73 4.27 3.46 15.37
N ILE C 74 3.37 3.75 16.32
CA ILE C 74 2.95 5.13 16.50
C ILE C 74 3.50 5.65 17.81
N THR C 75 3.95 6.89 17.80
CA THR C 75 4.43 7.51 19.04
C THR C 75 3.28 7.68 20.04
N SER C 76 2.66 8.86 20.06
CA SER C 76 1.49 9.07 20.92
C SER C 76 0.21 8.83 20.13
N LEU C 77 -0.28 7.60 20.21
CA LEU C 77 -1.49 7.19 19.49
C LEU C 77 -2.59 8.23 19.59
N GLN C 78 -3.34 8.37 18.51
CA GLN C 78 -4.46 9.27 18.46
C GLN C 78 -5.73 8.49 18.31
N THR C 79 -6.76 9.17 17.83
CA THR C 79 -8.08 8.57 17.78
C THR C 79 -8.32 7.87 16.45
N GLU C 80 -8.27 8.64 15.36
CA GLU C 80 -8.56 8.12 14.03
C GLU C 80 -7.39 7.32 13.48
N ASP C 81 -6.75 6.53 14.35
CA ASP C 81 -5.68 5.64 13.95
C ASP C 81 -6.03 4.22 14.35
N VAL C 82 -7.30 3.86 14.15
CA VAL C 82 -7.79 2.53 14.48
C VAL C 82 -8.18 1.81 13.20
N ALA C 83 -7.71 0.58 13.06
CA ALA C 83 -7.91 -0.20 11.84
C ALA C 83 -7.15 -1.50 11.96
N THR C 84 -7.41 -2.42 11.04
CA THR C 84 -6.52 -3.55 10.91
C THR C 84 -5.30 -3.03 10.18
N TYR C 85 -4.13 -3.57 10.54
CA TYR C 85 -2.86 -3.14 9.96
C TYR C 85 -2.16 -4.25 9.22
N TYR C 86 -2.05 -4.07 7.91
CA TYR C 86 -1.53 -5.11 7.03
C TYR C 86 -0.11 -4.84 6.54
N CYS C 87 0.56 -5.93 6.16
CA CYS C 87 1.94 -5.83 5.76
C CYS C 87 2.12 -6.60 4.45
N GLN C 88 2.77 -5.95 3.47
CA GLN C 88 3.02 -6.55 2.16
C GLN C 88 4.49 -6.75 1.89
N GLN C 89 4.87 -7.95 1.44
CA GLN C 89 6.21 -8.19 0.91
C GLN C 89 6.17 -8.33 -0.59
N TYR C 90 7.18 -7.76 -1.23
CA TYR C 90 7.29 -7.82 -2.67
C TYR C 90 8.69 -8.16 -3.20
N TRP C 91 9.44 -8.94 -2.43
CA TRP C 91 10.71 -9.44 -2.93
C TRP C 91 10.48 -10.54 -3.99
N SER C 92 9.46 -11.38 -3.78
CA SER C 92 8.98 -12.21 -4.88
C SER C 92 7.54 -11.82 -5.15
N THR C 93 6.73 -12.79 -5.54
CA THR C 93 5.31 -12.53 -5.79
C THR C 93 4.65 -12.09 -4.49
N PRO C 94 4.00 -10.92 -4.52
CA PRO C 94 3.49 -10.27 -3.31
C PRO C 94 2.61 -11.20 -2.46
N THR C 95 2.88 -11.24 -1.16
CA THR C 95 2.03 -11.92 -0.19
C THR C 95 1.82 -10.96 0.98
N PHE C 96 0.71 -11.06 1.69
CA PHE C 96 0.48 -10.21 2.87
C PHE C 96 0.43 -10.96 4.20
N GLY C 97 0.03 -10.24 5.24
CA GLY C 97 0.03 -10.76 6.60
C GLY C 97 -1.39 -11.00 7.06
N GLY C 98 -1.53 -11.86 8.06
CA GLY C 98 -2.84 -12.18 8.60
C GLY C 98 -3.67 -10.92 8.79
N GLY C 99 -3.14 -9.98 9.54
CA GLY C 99 -3.85 -8.77 9.90
C GLY C 99 -3.57 -8.49 11.36
N THR C 100 -3.78 -7.25 11.79
CA THR C 100 -3.61 -6.90 13.22
C THR C 100 -4.55 -5.75 13.63
N LYS C 101 -5.69 -6.13 14.18
CA LYS C 101 -6.74 -5.17 14.47
C LYS C 101 -6.46 -4.37 15.72
N LEU C 102 -6.85 -3.10 15.69
CA LEU C 102 -6.63 -2.21 16.81
C LEU C 102 -7.94 -1.80 17.49
N GLU C 103 -7.93 -1.85 18.81
CA GLU C 103 -9.05 -1.33 19.61
C GLU C 103 -8.54 -0.41 20.72
N ILE C 104 -9.18 0.76 20.80
CA ILE C 104 -8.98 1.70 21.90
C ILE C 104 -9.18 0.99 23.25
N LYS C 105 -8.72 1.62 24.33
CA LYS C 105 -9.14 1.21 25.66
C LYS C 105 -10.11 2.23 26.24
N ARG C 106 -11.40 1.99 26.02
CA ARG C 106 -12.46 2.87 26.48
C ARG C 106 -12.81 2.63 27.96
N ALA C 107 -13.49 3.61 28.54
CA ALA C 107 -14.02 3.45 29.88
C ALA C 107 -15.07 2.36 29.79
N ASP C 108 -15.05 1.45 30.76
CA ASP C 108 -15.98 0.31 30.75
C ASP C 108 -17.44 0.78 30.66
N ALA C 109 -18.27 -0.03 30.01
CA ALA C 109 -19.67 0.35 29.77
C ALA C 109 -20.60 -0.86 29.87
N ALA C 110 -21.84 -0.61 30.29
CA ALA C 110 -22.87 -1.63 30.30
C ALA C 110 -23.88 -1.32 29.20
N PRO C 111 -24.52 -2.37 28.68
CA PRO C 111 -25.37 -2.31 27.49
C PRO C 111 -26.66 -1.52 27.66
N THR C 112 -27.26 -1.11 26.54
CA THR C 112 -28.55 -0.44 26.54
C THR C 112 -29.64 -1.39 26.01
N VAL C 113 -30.03 -2.36 26.84
CA VAL C 113 -30.85 -3.51 26.43
C VAL C 113 -32.32 -3.26 26.05
N SER C 114 -32.67 -3.55 24.81
CA SER C 114 -34.05 -3.42 24.32
C SER C 114 -34.81 -4.78 24.32
N ILE C 115 -35.88 -4.90 23.51
CA ILE C 115 -36.61 -6.18 23.28
C ILE C 115 -37.98 -6.09 22.58
N PHE C 116 -38.03 -5.48 21.40
CA PHE C 116 -39.29 -5.29 20.67
C PHE C 116 -40.01 -6.59 20.32
N PRO C 117 -41.35 -6.56 20.35
CA PRO C 117 -42.23 -7.65 19.89
C PRO C 117 -42.33 -7.70 18.37
N PRO C 118 -43.06 -8.70 17.84
CA PRO C 118 -43.33 -8.86 16.40
C PRO C 118 -44.24 -7.78 15.81
N SER C 119 -44.05 -7.47 14.53
CA SER C 119 -44.87 -6.45 13.86
C SER C 119 -46.10 -7.07 13.22
N SER C 120 -47.27 -6.49 13.51
CA SER C 120 -48.54 -6.98 12.97
C SER C 120 -48.41 -7.41 11.53
N GLU C 121 -47.85 -6.52 10.72
CA GLU C 121 -47.73 -6.74 9.28
C GLU C 121 -46.78 -7.88 8.97
N GLN C 122 -46.02 -8.31 9.97
CA GLN C 122 -45.13 -9.46 9.79
C GLN C 122 -45.89 -10.74 10.05
N LEU C 123 -46.63 -10.76 11.15
CA LEU C 123 -47.38 -11.95 11.53
C LEU C 123 -48.45 -12.27 10.49
N THR C 124 -49.18 -11.24 10.07
CA THR C 124 -50.25 -11.42 9.09
C THR C 124 -49.74 -12.14 7.83
N SER C 125 -48.42 -12.08 7.61
CA SER C 125 -47.76 -12.74 6.48
C SER C 125 -47.32 -14.18 6.79
N GLY C 126 -46.89 -14.41 8.02
CA GLY C 126 -46.53 -15.75 8.45
C GLY C 126 -45.68 -15.91 9.70
N GLY C 127 -44.59 -15.16 9.79
CA GLY C 127 -43.62 -15.35 10.85
C GLY C 127 -43.70 -14.31 11.94
N ALA C 128 -42.80 -14.40 12.91
CA ALA C 128 -42.78 -13.49 14.05
C ALA C 128 -41.41 -13.46 14.67
N SER C 129 -40.61 -12.47 14.29
CA SER C 129 -39.27 -12.35 14.83
C SER C 129 -39.29 -11.52 16.10
N VAL C 130 -38.35 -11.76 17.00
CA VAL C 130 -38.31 -11.11 18.31
C VAL C 130 -36.94 -10.50 18.59
N VAL C 131 -36.82 -9.19 18.42
CA VAL C 131 -35.54 -8.48 18.42
C VAL C 131 -35.08 -8.01 19.81
N CYS C 132 -33.80 -8.11 20.09
CA CYS C 132 -33.26 -7.66 21.38
C CYS C 132 -31.90 -6.99 21.17
N PHE C 133 -31.90 -5.68 20.99
CA PHE C 133 -30.68 -4.89 20.75
C PHE C 133 -29.82 -4.81 22.02
N LEU C 134 -28.66 -4.16 21.91
CA LEU C 134 -27.80 -3.88 23.06
C LEU C 134 -26.78 -2.79 22.72
N ASN C 135 -27.23 -1.73 22.05
CA ASN C 135 -26.30 -0.71 21.55
C ASN C 135 -25.47 -0.01 22.66
N ASN C 136 -24.16 0.00 22.45
CA ASN C 136 -23.21 0.78 23.24
C ASN C 136 -22.75 0.16 24.57
N PHE C 137 -21.52 -0.36 24.56
CA PHE C 137 -20.90 -0.99 25.73
C PHE C 137 -19.40 -1.34 25.56
N TYR C 138 -18.81 -1.99 26.57
CA TYR C 138 -17.38 -2.27 26.64
C TYR C 138 -17.11 -2.99 27.97
N PRO C 139 -16.22 -3.99 27.99
CA PRO C 139 -15.46 -4.60 26.88
C PRO C 139 -16.34 -5.29 25.85
N LYS C 140 -15.72 -5.68 24.75
CA LYS C 140 -16.44 -6.32 23.65
C LYS C 140 -17.13 -7.58 24.14
N ASP C 141 -16.40 -8.41 24.89
CA ASP C 141 -16.91 -9.70 25.33
C ASP C 141 -18.19 -9.58 26.15
N ILE C 142 -19.27 -10.15 25.62
CA ILE C 142 -20.58 -10.13 26.28
C ILE C 142 -21.20 -11.54 26.31
N ASN C 143 -22.46 -11.60 26.69
CA ASN C 143 -23.24 -12.83 26.61
C ASN C 143 -24.68 -12.41 26.59
N VAL C 144 -25.49 -13.10 25.80
CA VAL C 144 -26.93 -12.90 25.84
C VAL C 144 -27.64 -14.25 26.00
N LYS C 145 -28.75 -14.24 26.70
CA LYS C 145 -29.47 -15.47 27.01
C LYS C 145 -30.95 -15.28 26.75
N TRP C 146 -31.57 -16.27 26.12
CA TRP C 146 -32.99 -16.20 25.85
C TRP C 146 -33.78 -17.16 26.73
N LYS C 147 -35.01 -16.78 27.05
CA LYS C 147 -35.90 -17.64 27.81
C LYS C 147 -37.33 -17.47 27.35
N ILE C 148 -38.09 -18.54 27.38
CA ILE C 148 -39.51 -18.50 27.05
C ILE C 148 -40.39 -19.01 28.19
N ASP C 149 -41.03 -18.09 28.91
CA ASP C 149 -41.87 -18.47 30.03
C ASP C 149 -41.02 -19.13 31.12
N GLY C 150 -39.70 -19.04 31.00
CA GLY C 150 -38.81 -19.64 31.98
C GLY C 150 -37.84 -20.69 31.43
N SER C 151 -38.32 -21.53 30.52
CA SER C 151 -37.44 -22.53 29.88
C SER C 151 -36.53 -21.83 28.87
N GLU C 152 -35.39 -22.43 28.58
CA GLU C 152 -34.35 -21.77 27.79
C GLU C 152 -34.35 -22.17 26.32
N ARG C 153 -34.06 -21.21 25.44
CA ARG C 153 -33.97 -21.48 24.01
C ARG C 153 -32.66 -20.94 23.40
N GLN C 154 -31.87 -21.83 22.82
CA GLN C 154 -30.64 -21.43 22.14
C GLN C 154 -30.66 -21.91 20.67
N ASN C 155 -31.86 -22.24 20.20
CA ASN C 155 -32.06 -22.60 18.80
C ASN C 155 -32.89 -21.59 18.04
N GLY C 156 -32.39 -21.11 16.91
CA GLY C 156 -33.16 -20.23 16.07
C GLY C 156 -32.83 -18.77 16.33
N VAL C 157 -31.93 -18.54 17.28
CA VAL C 157 -31.54 -17.19 17.61
C VAL C 157 -30.26 -16.77 16.84
N LEU C 158 -30.33 -15.64 16.16
CA LEU C 158 -29.21 -15.18 15.34
C LEU C 158 -28.71 -13.83 15.80
N ASN C 159 -27.49 -13.81 16.33
CA ASN C 159 -26.88 -12.59 16.80
C ASN C 159 -26.08 -11.85 15.74
N SER C 160 -25.78 -10.59 16.01
CA SER C 160 -24.92 -9.79 15.16
C SER C 160 -24.30 -8.67 15.98
N TRP C 161 -22.98 -8.59 15.97
CA TRP C 161 -22.27 -7.52 16.66
C TRP C 161 -21.84 -6.44 15.69
N THR C 162 -21.40 -5.31 16.24
CA THR C 162 -20.76 -4.28 15.44
C THR C 162 -19.28 -4.17 15.81
N ASP C 163 -18.57 -3.31 15.08
CA ASP C 163 -17.18 -2.99 15.40
C ASP C 163 -17.18 -1.82 16.37
N GLN C 164 -16.11 -1.69 17.14
CA GLN C 164 -16.04 -0.63 18.14
C GLN C 164 -16.28 0.73 17.52
N ASP C 165 -17.36 1.40 17.91
CA ASP C 165 -17.75 2.68 17.33
C ASP C 165 -16.61 3.73 17.30
N SER C 166 -16.43 4.34 16.13
CA SER C 166 -15.43 5.40 15.94
C SER C 166 -15.93 6.70 16.53
N LYS C 167 -16.76 6.59 17.56
CA LYS C 167 -17.25 7.74 18.31
C LYS C 167 -17.14 7.44 19.79
N ASP C 168 -18.25 7.00 20.37
CA ASP C 168 -18.29 6.64 21.78
C ASP C 168 -17.34 5.47 22.09
N SER C 169 -16.57 5.04 21.09
CA SER C 169 -15.60 3.97 21.26
C SER C 169 -16.16 2.83 22.11
N THR C 170 -17.38 2.42 21.76
CA THR C 170 -18.02 1.25 22.36
C THR C 170 -18.74 0.39 21.33
N TYR C 171 -19.06 -0.83 21.74
CA TYR C 171 -19.61 -1.86 20.88
C TYR C 171 -21.11 -1.87 20.90
N SER C 172 -21.69 -2.89 20.31
CA SER C 172 -23.13 -2.99 20.17
C SER C 172 -23.41 -4.44 19.78
N MET C 173 -24.68 -4.81 19.71
CA MET C 173 -25.03 -6.18 19.33
C MET C 173 -26.53 -6.42 19.26
N SER C 174 -26.92 -7.52 18.61
CA SER C 174 -28.33 -7.86 18.46
C SER C 174 -28.55 -9.36 18.55
N SER C 175 -29.63 -9.78 19.22
CA SER C 175 -30.06 -11.18 19.27
C SER C 175 -31.39 -11.22 18.54
N THR C 176 -31.69 -12.32 17.87
CA THR C 176 -32.92 -12.34 17.08
C THR C 176 -33.55 -13.72 16.89
N LEU C 177 -34.60 -13.96 17.67
CA LEU C 177 -35.29 -15.24 17.72
C LEU C 177 -36.40 -15.27 16.69
N THR C 178 -36.34 -16.25 15.78
CA THR C 178 -37.22 -16.23 14.63
C THR C 178 -38.15 -17.43 14.63
N LEU C 179 -39.44 -17.16 14.82
CA LEU C 179 -40.44 -18.23 14.91
C LEU C 179 -41.53 -18.05 13.87
N THR C 180 -42.32 -19.10 13.69
CA THR C 180 -43.59 -19.02 12.98
C THR C 180 -44.53 -18.35 13.96
N LYS C 181 -45.60 -17.73 13.46
CA LYS C 181 -46.53 -17.08 14.37
C LYS C 181 -47.18 -18.10 15.29
N ASP C 182 -47.57 -19.23 14.70
CA ASP C 182 -48.16 -20.33 15.46
C ASP C 182 -47.22 -20.68 16.60
N GLU C 183 -46.09 -21.28 16.25
CA GLU C 183 -45.01 -21.58 17.19
C GLU C 183 -44.73 -20.39 18.11
N TYR C 184 -45.15 -19.22 17.67
CA TYR C 184 -44.91 -18.03 18.45
C TYR C 184 -45.90 -17.90 19.57
N GLU C 185 -47.18 -17.77 19.23
CA GLU C 185 -48.22 -17.50 20.23
C GLU C 185 -48.70 -18.73 20.98
N ARG C 186 -47.87 -19.77 20.99
CA ARG C 186 -48.06 -20.86 21.91
C ARG C 186 -47.16 -20.65 23.13
N HIS C 187 -46.96 -19.38 23.48
CA HIS C 187 -46.09 -18.98 24.60
C HIS C 187 -46.42 -17.54 25.02
N ASN C 188 -46.27 -17.23 26.30
CA ASN C 188 -46.70 -15.93 26.78
C ASN C 188 -45.58 -14.93 27.05
N SER C 189 -44.71 -15.22 28.02
CA SER C 189 -43.61 -14.31 28.38
C SER C 189 -42.31 -14.70 27.68
N TYR C 190 -41.66 -13.71 27.05
CA TYR C 190 -40.43 -13.91 26.29
C TYR C 190 -39.24 -13.09 26.84
N THR C 191 -38.31 -13.76 27.50
CA THR C 191 -37.21 -13.07 28.17
C THR C 191 -35.90 -13.15 27.42
N CYS C 192 -35.20 -12.02 27.34
CA CYS C 192 -33.82 -12.01 26.87
C CYS C 192 -32.98 -11.28 27.88
N GLU C 193 -31.80 -11.82 28.20
CA GLU C 193 -30.97 -11.29 29.29
C GLU C 193 -29.47 -11.24 29.00
N ALA C 194 -28.88 -10.06 29.16
CA ALA C 194 -27.47 -9.85 28.88
C ALA C 194 -26.58 -10.05 30.09
N THR C 195 -25.67 -11.01 30.00
CA THR C 195 -24.78 -11.33 31.11
C THR C 195 -23.42 -10.67 30.91
N HIS C 196 -23.29 -9.41 31.32
CA HIS C 196 -22.04 -8.67 31.17
C HIS C 196 -21.25 -8.62 32.47
N LYS C 197 -20.19 -7.83 32.49
CA LYS C 197 -19.44 -7.59 33.72
C LYS C 197 -19.37 -6.09 34.01
N THR C 198 -20.52 -5.54 34.37
CA THR C 198 -20.62 -4.19 34.89
C THR C 198 -21.34 -4.29 36.24
N SER C 199 -22.48 -4.98 36.24
CA SER C 199 -23.10 -5.45 37.47
C SER C 199 -23.09 -6.98 37.46
N THR C 200 -22.72 -7.56 38.60
CA THR C 200 -22.62 -9.00 38.72
C THR C 200 -23.98 -9.70 38.48
N SER C 201 -24.98 -8.91 38.13
CA SER C 201 -26.34 -9.41 37.92
C SER C 201 -26.85 -9.12 36.51
N PRO C 202 -27.40 -10.15 35.83
CA PRO C 202 -27.85 -10.13 34.43
C PRO C 202 -29.14 -9.35 34.12
N ILE C 203 -29.01 -8.19 33.49
CA ILE C 203 -30.16 -7.32 33.19
C ILE C 203 -31.16 -7.93 32.19
N VAL C 204 -32.45 -7.74 32.48
CA VAL C 204 -33.52 -8.40 31.73
C VAL C 204 -34.61 -7.45 31.20
N LYS C 205 -35.23 -7.84 30.09
CA LYS C 205 -36.44 -7.21 29.55
C LYS C 205 -37.37 -8.31 29.03
N SER C 206 -38.68 -8.18 29.25
CA SER C 206 -39.59 -9.27 28.91
C SER C 206 -41.07 -8.86 28.86
N PHE C 207 -41.83 -9.49 27.96
CA PHE C 207 -43.21 -9.09 27.66
C PHE C 207 -44.19 -10.26 27.46
N ASN C 208 -45.26 -10.04 26.70
CA ASN C 208 -46.24 -11.10 26.34
C ASN C 208 -47.33 -10.73 25.33
#